data_5H8V
#
_entry.id   5H8V
#
_cell.length_a   103.346
_cell.length_b   103.346
_cell.length_c   255.048
_cell.angle_alpha   90.00
_cell.angle_beta   90.00
_cell.angle_gamma   90.00
#
_symmetry.space_group_name_H-M   'P 41 21 2'
#
loop_
_entity.id
_entity.type
_entity.pdbx_description
1 polymer 'Sulfite reductase [ferredoxin], chloroplastic'
2 non-polymer 'IRON/SULFUR CLUSTER'
3 non-polymer SIROHEME
4 non-polymer 'PHOSPHATE ION'
5 non-polymer 'MAGNESIUM ION'
6 water water
#
_entity_poly.entity_id   1
_entity_poly.type   'polypeptide(L)'
_entity_poly.pdbx_seq_one_letter_code
;APAKKDASEVKRSKVEIIKEKSNFLRYPLNEELVSEAPNINESAVQLIKFHGSYQQTDRDVRGQKNYSFMLRTKNPCGKV
PNQLYLAMDTLADEFGIGTLRLTTRQTFQLHGVLKKNLKTVLSTVIKNMGSTLGACGDLNRNVLAPAAPYVKKDILFAQQ
TAENIAALLTPQSGAYYDLWVDGEKIMSAEEPPEVTKARNDNSHGTNFPDSPEPIYGTQYLPRKFKVAVTAAGDNSVDIL
TNDIGVVVVSDDAGEPIGFNIYVGGGMGRTHRVETTFPRLADPLGYVPKEDILYAIKAIVVTQRENGRRDDRKYSRMKYM
IDRWGIDRFRAEVEKYYGKKFESFRPLPEWQFNSYLGWQEQGDGKLFYGVHVDNGRVGGQAKKTLREIIEKYNLDVSITP
NQNLILCGIDQAWREPITTALAQAGLLEPKDVDPLNLTAMACPALPLCPLAQTEAERGILPILKRIRAVFNKVGIKDSES
VVVRITGCPNGCARPYMAELGFVGDGPKSYQIWLGGTPNQSTLAESFMDKVKLDDIEKVLEPLFTYWNGTRQEGESFGSF
TNRTGFDKLKEVVNKWAESPSAA
;
_entity_poly.pdbx_strand_id   A,B
#
loop_
_chem_comp.id
_chem_comp.type
_chem_comp.name
_chem_comp.formula
MG non-polymer 'MAGNESIUM ION' 'Mg 2'
PO4 non-polymer 'PHOSPHATE ION' 'O4 P -3'
SF4 non-polymer 'IRON/SULFUR CLUSTER' 'Fe4 S4'
SRM non-polymer SIROHEME 'C42 H44 Fe N4 O16'
#
# COMPACT_ATOMS: atom_id res chain seq x y z
N LYS A 11 14.13 -3.69 4.16
CA LYS A 11 12.68 -3.92 4.32
C LYS A 11 12.26 -5.42 4.23
N ARG A 12 11.51 -5.90 5.22
CA ARG A 12 11.21 -7.34 5.33
C ARG A 12 9.77 -7.67 5.78
N SER A 13 9.17 -8.72 5.17
CA SER A 13 7.78 -9.09 5.42
C SER A 13 7.55 -9.52 6.87
N LYS A 14 6.28 -9.49 7.21
CA LYS A 14 5.80 -9.84 8.53
C LYS A 14 6.17 -11.29 8.86
N VAL A 15 6.09 -12.16 7.85
CA VAL A 15 6.45 -13.53 8.02
C VAL A 15 7.93 -13.69 8.37
N GLU A 16 8.83 -12.84 7.82
CA GLU A 16 10.25 -12.95 8.13
C GLU A 16 10.55 -12.76 9.62
N ILE A 17 9.90 -11.78 10.20
CA ILE A 17 10.07 -11.45 11.59
C ILE A 17 9.50 -12.56 12.47
N ILE A 18 8.36 -13.09 12.07
CA ILE A 18 7.77 -14.23 12.75
C ILE A 18 8.73 -15.44 12.80
N LYS A 19 9.35 -15.75 11.68
CA LYS A 19 10.28 -16.85 11.61
C LYS A 19 11.50 -16.57 12.51
N GLU A 20 12.03 -15.35 12.40
CA GLU A 20 13.20 -14.90 13.19
C GLU A 20 13.05 -15.08 14.67
N LYS A 21 11.88 -14.72 15.16
CA LYS A 21 11.60 -14.78 16.60
C LYS A 21 10.94 -16.02 17.11
N SER A 22 10.91 -17.05 16.28
CA SER A 22 10.24 -18.32 16.61
C SER A 22 11.09 -19.39 17.26
N ASN A 23 12.39 -19.16 17.44
CA ASN A 23 13.28 -20.24 17.92
C ASN A 23 13.12 -21.50 17.03
N PHE A 24 13.34 -21.32 15.73
CA PHE A 24 13.22 -22.37 14.74
C PHE A 24 11.86 -23.08 14.83
N LEU A 25 10.80 -22.27 14.69
CA LEU A 25 9.44 -22.75 14.44
C LEU A 25 8.73 -23.21 15.67
N ARG A 26 9.16 -22.70 16.83
CA ARG A 26 8.58 -23.14 18.11
C ARG A 26 7.63 -22.14 18.75
N TYR A 27 8.05 -20.88 18.84
CA TYR A 27 7.41 -19.89 19.71
C TYR A 27 6.80 -18.76 18.83
N PRO A 28 5.56 -18.31 19.15
CA PRO A 28 4.74 -18.67 20.32
C PRO A 28 3.77 -19.77 20.05
N LEU A 29 3.95 -20.50 18.94
CA LEU A 29 3.12 -21.66 18.62
C LEU A 29 2.96 -22.58 19.81
N ASN A 30 4.06 -22.91 20.47
CA ASN A 30 4.10 -23.76 21.64
C ASN A 30 3.11 -23.31 22.75
N GLU A 31 3.09 -22.02 23.08
CA GLU A 31 2.14 -21.47 24.09
C GLU A 31 0.71 -21.39 23.52
N GLU A 32 0.58 -21.06 22.23
CA GLU A 32 -0.77 -20.93 21.65
C GLU A 32 -1.52 -22.23 21.54
N LEU A 33 -0.78 -23.32 21.31
CA LEU A 33 -1.40 -24.63 21.20
C LEU A 33 -2.11 -25.04 22.45
N VAL A 34 -1.70 -24.54 23.62
CA VAL A 34 -2.39 -24.94 24.88
C VAL A 34 -3.35 -23.88 25.44
N SER A 35 -3.49 -22.74 24.77
CA SER A 35 -4.48 -21.75 25.23
C SER A 35 -5.89 -22.31 25.02
N GLU A 36 -6.81 -21.75 25.78
CA GLU A 36 -8.20 -22.21 25.89
C GLU A 36 -9.01 -21.84 24.65
N ALA A 37 -8.62 -20.76 23.99
CA ALA A 37 -9.28 -20.30 22.77
C ALA A 37 -9.33 -21.40 21.69
N PRO A 38 -10.35 -21.35 20.81
CA PRO A 38 -10.48 -22.31 19.68
C PRO A 38 -9.53 -22.06 18.52
N ASN A 39 -8.91 -20.87 18.51
CA ASN A 39 -7.95 -20.51 17.50
C ASN A 39 -6.60 -20.15 18.15
N ILE A 40 -5.67 -19.68 17.31
CA ILE A 40 -4.32 -19.32 17.73
C ILE A 40 -4.02 -17.99 17.08
N ASN A 41 -3.10 -17.25 17.67
CA ASN A 41 -2.78 -15.89 17.23
C ASN A 41 -2.07 -15.91 15.91
N GLU A 42 -1.93 -14.74 15.32
CA GLU A 42 -1.40 -14.60 13.95
C GLU A 42 0.02 -15.18 13.80
N SER A 43 0.89 -14.90 14.76
CA SER A 43 2.22 -15.52 14.72
C SER A 43 2.13 -17.04 14.63
N ALA A 44 1.31 -17.63 15.49
CA ALA A 44 1.16 -19.07 15.53
C ALA A 44 0.51 -19.65 14.26
N VAL A 45 -0.43 -18.88 13.67
CA VAL A 45 -1.08 -19.17 12.39
C VAL A 45 -0.04 -19.38 11.31
N GLN A 46 0.93 -18.51 11.25
CA GLN A 46 2.01 -18.62 10.24
C GLN A 46 2.98 -19.74 10.52
N LEU A 47 3.33 -19.96 11.79
CA LEU A 47 4.29 -20.98 12.17
C LEU A 47 3.78 -22.42 11.95
N ILE A 48 2.51 -22.64 12.30
CA ILE A 48 1.94 -23.96 12.27
C ILE A 48 1.95 -24.55 10.86
N LYS A 49 1.87 -23.69 9.85
CA LYS A 49 2.03 -24.10 8.45
C LYS A 49 3.28 -24.95 8.25
N PHE A 50 4.36 -24.54 8.92
CA PHE A 50 5.65 -25.24 8.79
C PHE A 50 5.53 -26.64 9.35
N HIS A 51 4.61 -26.81 10.31
CA HIS A 51 4.35 -28.13 10.93
C HIS A 51 3.26 -28.96 10.17
N GLY A 52 2.81 -28.42 9.04
CA GLY A 52 1.84 -29.11 8.16
C GLY A 52 0.38 -28.96 8.51
N SER A 53 0.02 -27.87 9.21
CA SER A 53 -1.37 -27.61 9.53
C SER A 53 -1.78 -26.19 9.15
N TYR A 54 -3.02 -26.03 8.70
CA TYR A 54 -3.59 -24.74 8.38
C TYR A 54 -4.84 -24.47 9.19
N GLN A 55 -4.87 -23.36 9.91
CA GLN A 55 -6.10 -22.91 10.61
C GLN A 55 -7.06 -22.42 9.54
N GLN A 56 -8.30 -22.91 9.57
CA GLN A 56 -9.29 -22.48 8.60
C GLN A 56 -10.59 -22.14 9.36
N THR A 57 -11.52 -21.49 8.66
CA THR A 57 -12.91 -21.30 9.10
C THR A 57 -13.89 -21.63 7.94
N ASP A 58 -15.04 -22.18 8.34
CA ASP A 58 -16.02 -22.67 7.38
C ASP A 58 -16.81 -21.48 6.86
N ARG A 59 -16.71 -21.21 5.57
CA ARG A 59 -17.29 -20.01 4.96
C ARG A 59 -18.77 -20.20 4.53
N ASP A 60 -19.29 -21.40 4.66
CA ASP A 60 -20.71 -21.62 4.45
C ASP A 60 -21.54 -21.13 5.67
N VAL A 61 -21.05 -21.35 6.88
CA VAL A 61 -21.93 -21.22 8.04
C VAL A 61 -21.94 -19.77 8.42
N ARG A 62 -23.11 -19.14 8.26
CA ARG A 62 -23.18 -17.71 8.43
C ARG A 62 -22.93 -17.34 9.89
N GLY A 63 -22.70 -16.05 10.11
CA GLY A 63 -22.34 -15.54 11.42
C GLY A 63 -20.96 -16.06 11.84
N GLN A 64 -20.92 -16.67 13.02
CA GLN A 64 -19.73 -17.15 13.75
C GLN A 64 -18.51 -17.63 12.97
N LYS A 65 -17.39 -17.62 13.67
CA LYS A 65 -16.16 -18.13 13.15
C LYS A 65 -15.95 -19.53 13.70
N ASN A 66 -16.24 -20.51 12.87
CA ASN A 66 -16.05 -21.89 13.26
C ASN A 66 -14.65 -22.23 12.83
N TYR A 67 -13.72 -22.22 13.78
CA TYR A 67 -12.32 -22.56 13.55
C TYR A 67 -12.10 -24.02 13.51
N SER A 68 -11.26 -24.42 12.58
CA SER A 68 -10.79 -25.78 12.47
C SER A 68 -9.41 -25.82 11.79
N PHE A 69 -8.83 -27.01 11.77
CA PHE A 69 -7.49 -27.20 11.25
C PHE A 69 -7.49 -28.23 10.18
N MET A 70 -6.89 -27.87 9.04
CA MET A 70 -6.60 -28.81 8.00
C MET A 70 -5.16 -29.29 8.20
N LEU A 71 -4.95 -30.55 7.92
CA LEU A 71 -3.63 -31.17 8.05
C LEU A 71 -3.20 -31.74 6.71
N ARG A 72 -1.93 -31.61 6.39
CA ARG A 72 -1.42 -32.10 5.10
C ARG A 72 -0.17 -32.95 5.37
N THR A 73 -0.09 -34.10 4.72
CA THR A 73 0.99 -35.02 4.93
C THR A 73 2.13 -34.75 3.98
N LYS A 74 3.27 -35.36 4.31
CA LYS A 74 4.48 -35.37 3.48
C LYS A 74 4.70 -36.80 2.99
N ASN A 75 4.66 -37.01 1.67
CA ASN A 75 4.77 -38.37 1.14
C ASN A 75 5.57 -38.35 -0.15
N PRO A 76 6.90 -38.38 -0.09
CA PRO A 76 7.64 -38.34 -1.37
C PRO A 76 7.19 -39.43 -2.35
N CYS A 77 7.06 -39.05 -3.62
CA CYS A 77 6.61 -39.94 -4.68
C CYS A 77 5.15 -40.34 -4.54
N GLY A 78 4.39 -39.77 -3.61
CA GLY A 78 3.03 -40.27 -3.31
C GLY A 78 2.87 -41.59 -2.54
N LYS A 79 3.98 -42.17 -2.06
CA LYS A 79 3.98 -43.51 -1.47
C LYS A 79 3.43 -43.51 -0.05
N VAL A 80 2.47 -44.39 0.23
CA VAL A 80 1.82 -44.39 1.54
C VAL A 80 1.87 -45.82 2.03
N PRO A 81 2.66 -46.08 3.08
CA PRO A 81 2.60 -47.46 3.67
C PRO A 81 1.18 -47.82 4.25
N ASN A 82 0.86 -49.12 4.21
CA ASN A 82 -0.41 -49.61 4.70
C ASN A 82 -0.80 -49.01 6.05
N GLN A 83 0.15 -49.02 6.97
CA GLN A 83 -0.13 -48.57 8.34
C GLN A 83 -0.54 -47.08 8.35
N LEU A 84 0.02 -46.27 7.46
CA LEU A 84 -0.35 -44.89 7.44
C LEU A 84 -1.75 -44.75 6.88
N TYR A 85 -2.07 -45.47 5.81
CA TYR A 85 -3.37 -45.27 5.19
C TYR A 85 -4.46 -45.56 6.24
N LEU A 86 -4.27 -46.62 7.00
CA LEU A 86 -5.25 -47.07 8.00
C LEU A 86 -5.39 -46.04 9.13
N ALA A 87 -4.26 -45.53 9.57
CA ALA A 87 -4.31 -44.47 10.55
C ALA A 87 -5.02 -43.22 10.04
N MET A 88 -4.75 -42.82 8.79
CA MET A 88 -5.38 -41.61 8.23
C MET A 88 -6.87 -41.81 8.02
N ASP A 89 -7.24 -42.98 7.50
CA ASP A 89 -8.65 -43.31 7.27
C ASP A 89 -9.50 -43.18 8.59
N THR A 90 -8.99 -43.72 9.67
CA THR A 90 -9.62 -43.66 10.98
C THR A 90 -9.59 -42.22 11.54
N LEU A 91 -8.47 -41.52 11.41
CA LEU A 91 -8.43 -40.16 11.90
C LEU A 91 -9.49 -39.29 11.23
N ALA A 92 -9.72 -39.49 9.94
CA ALA A 92 -10.62 -38.62 9.20
C ALA A 92 -12.06 -38.71 9.77
N ASP A 93 -12.42 -39.92 10.17
CA ASP A 93 -13.71 -40.24 10.78
C ASP A 93 -13.81 -39.82 12.23
N GLU A 94 -12.78 -40.07 13.01
CA GLU A 94 -12.78 -39.76 14.43
C GLU A 94 -12.68 -38.27 14.73
N PHE A 95 -11.81 -37.56 14.00
CA PHE A 95 -11.41 -36.18 14.35
C PHE A 95 -11.60 -35.15 13.22
N GLY A 96 -11.92 -35.60 12.03
CA GLY A 96 -12.03 -34.72 10.90
C GLY A 96 -13.48 -34.67 10.50
N ILE A 97 -13.73 -34.51 9.20
CA ILE A 97 -15.09 -34.45 8.70
C ILE A 97 -15.44 -35.64 7.81
N GLY A 98 -14.83 -36.79 8.04
CA GLY A 98 -15.21 -38.00 7.35
C GLY A 98 -14.57 -38.13 5.98
N THR A 99 -13.64 -37.25 5.59
CA THR A 99 -13.05 -37.38 4.23
C THR A 99 -11.55 -37.30 4.28
N LEU A 100 -10.92 -37.97 3.31
CA LEU A 100 -9.54 -37.69 2.95
C LEU A 100 -9.54 -36.98 1.59
N ARG A 101 -8.60 -36.03 1.40
CA ARG A 101 -8.46 -35.30 0.15
C ARG A 101 -7.09 -35.58 -0.46
N LEU A 102 -7.06 -36.30 -1.60
CA LEU A 102 -5.82 -36.55 -2.31
C LEU A 102 -5.48 -35.27 -3.12
N THR A 103 -4.19 -34.94 -3.19
CA THR A 103 -3.80 -33.64 -3.72
C THR A 103 -3.02 -33.73 -5.04
N THR A 104 -2.91 -32.56 -5.70
CA THR A 104 -2.11 -32.42 -6.91
C THR A 104 -0.57 -32.54 -6.67
N ARG A 105 -0.13 -32.69 -5.43
CA ARG A 105 1.24 -33.00 -5.14
C ARG A 105 1.41 -34.34 -4.45
N GLN A 106 0.46 -35.27 -4.62
CA GLN A 106 0.61 -36.64 -4.12
C GLN A 106 0.63 -36.74 -2.60
N THR A 107 -0.18 -35.93 -1.92
CA THR A 107 -0.33 -35.99 -0.47
C THR A 107 -1.80 -36.15 -0.07
N PHE A 108 -2.02 -36.35 1.22
CA PHE A 108 -3.35 -36.29 1.84
C PHE A 108 -3.54 -34.98 2.52
N GLN A 109 -4.76 -34.45 2.40
CA GLN A 109 -5.21 -33.47 3.40
C GLN A 109 -6.39 -34.10 4.16
N LEU A 110 -6.47 -33.70 5.40
CA LEU A 110 -7.51 -34.07 6.26
C LEU A 110 -8.02 -32.72 6.83
N HIS A 111 -9.27 -32.38 6.51
CA HIS A 111 -9.93 -31.13 6.91
C HIS A 111 -10.75 -31.29 8.20
N GLY A 112 -10.98 -30.20 8.89
CA GLY A 112 -11.99 -30.11 9.96
C GLY A 112 -11.53 -30.43 11.36
N VAL A 113 -10.25 -30.46 11.68
CA VAL A 113 -9.85 -30.95 13.02
C VAL A 113 -9.88 -29.81 14.02
N LEU A 114 -10.45 -30.03 15.20
CA LEU A 114 -10.57 -28.98 16.23
C LEU A 114 -9.26 -28.85 16.96
N LYS A 115 -8.93 -27.60 17.36
CA LYS A 115 -7.66 -27.24 18.00
C LYS A 115 -7.28 -28.22 19.09
N LYS A 116 -8.22 -28.51 20.00
CA LYS A 116 -7.96 -29.42 21.12
C LYS A 116 -7.59 -30.85 20.73
N ASN A 117 -7.91 -31.27 19.51
CA ASN A 117 -7.56 -32.64 19.07
C ASN A 117 -6.30 -32.67 18.19
N LEU A 118 -5.69 -31.51 17.96
CA LEU A 118 -4.68 -31.42 16.93
C LEU A 118 -3.40 -32.23 17.29
N LYS A 119 -2.99 -32.15 18.55
CA LYS A 119 -1.85 -32.90 19.00
C LYS A 119 -2.12 -34.41 19.01
N THR A 120 -3.32 -34.79 19.38
CA THR A 120 -3.68 -36.21 19.30
C THR A 120 -3.51 -36.69 17.82
N VAL A 121 -3.93 -35.85 16.86
CA VAL A 121 -3.99 -36.28 15.47
C VAL A 121 -2.60 -36.39 14.89
N LEU A 122 -1.82 -35.34 15.04
CA LEU A 122 -0.47 -35.30 14.52
C LEU A 122 0.44 -36.34 15.12
N SER A 123 0.39 -36.55 16.44
CA SER A 123 1.19 -37.62 17.02
C SER A 123 0.78 -39.01 16.51
N THR A 124 -0.50 -39.26 16.33
CA THR A 124 -0.95 -40.46 15.66
C THR A 124 -0.35 -40.61 14.26
N VAL A 125 -0.35 -39.54 13.47
CA VAL A 125 0.28 -39.60 12.18
C VAL A 125 1.75 -40.05 12.35
N ILE A 126 2.44 -39.34 13.23
CA ILE A 126 3.86 -39.56 13.48
C ILE A 126 4.17 -40.96 13.97
N LYS A 127 3.30 -41.54 14.80
CA LYS A 127 3.57 -42.89 15.32
C LYS A 127 3.04 -43.95 14.39
N ASN A 128 2.52 -43.55 13.23
CA ASN A 128 2.06 -44.54 12.23
C ASN A 128 2.73 -44.38 10.85
N MET A 129 4.03 -44.11 10.87
CA MET A 129 4.89 -44.07 9.70
C MET A 129 4.60 -42.88 8.77
N GLY A 130 4.10 -41.77 9.32
CA GLY A 130 3.81 -40.59 8.54
C GLY A 130 4.42 -39.34 9.12
N SER A 131 4.27 -38.24 8.39
CA SER A 131 4.72 -36.92 8.84
C SER A 131 3.89 -35.87 8.11
N THR A 132 3.78 -34.71 8.76
CA THR A 132 3.23 -33.51 8.17
C THR A 132 4.28 -32.38 8.18
N LEU A 133 5.47 -32.65 8.69
CA LEU A 133 6.52 -31.64 8.75
C LEU A 133 6.86 -31.12 7.36
N GLY A 134 6.81 -29.80 7.20
CA GLY A 134 7.13 -29.18 5.91
C GLY A 134 6.10 -29.32 4.80
N ALA A 135 4.89 -29.78 5.14
CA ALA A 135 3.84 -29.91 4.14
C ALA A 135 3.33 -28.56 3.70
N CYS A 136 3.32 -27.59 4.61
CA CYS A 136 3.24 -26.20 4.25
C CYS A 136 4.53 -25.46 4.74
N GLY A 137 4.51 -24.12 4.72
CA GLY A 137 5.60 -23.26 5.18
C GLY A 137 6.53 -22.78 4.08
N ASP A 138 7.49 -21.95 4.48
CA ASP A 138 8.49 -21.40 3.58
C ASP A 138 9.70 -22.39 3.44
N LEU A 139 9.44 -23.53 2.79
CA LEU A 139 10.24 -24.76 2.84
C LEU A 139 10.00 -25.58 1.57
N ASN A 140 10.78 -26.64 1.41
CA ASN A 140 10.56 -27.62 0.38
C ASN A 140 9.24 -28.43 0.65
N ARG A 141 8.37 -28.41 -0.36
CA ARG A 141 7.06 -29.08 -0.32
C ARG A 141 7.24 -30.55 -0.77
N ASN A 142 6.14 -31.26 -0.91
CA ASN A 142 6.21 -32.63 -1.25
C ASN A 142 6.91 -32.78 -2.61
N VAL A 143 7.87 -33.69 -2.65
CA VAL A 143 8.61 -33.97 -3.86
C VAL A 143 7.89 -34.99 -4.74
N LEU A 144 7.62 -34.64 -5.98
CA LEU A 144 6.83 -35.56 -6.86
C LEU A 144 7.74 -36.56 -7.57
N ALA A 145 7.16 -37.72 -7.90
CA ALA A 145 7.80 -38.73 -8.68
C ALA A 145 6.73 -39.57 -9.34
N PRO A 146 7.13 -40.42 -10.32
CA PRO A 146 6.16 -41.29 -10.95
C PRO A 146 5.48 -42.14 -9.93
N ALA A 147 4.15 -42.12 -9.95
CA ALA A 147 3.36 -42.77 -8.91
C ALA A 147 3.20 -44.29 -9.07
N ALA A 148 3.37 -44.77 -10.28
CA ALA A 148 3.21 -46.18 -10.57
C ALA A 148 4.31 -47.01 -9.95
N PRO A 149 3.96 -48.14 -9.31
CA PRO A 149 4.99 -48.97 -8.63
C PRO A 149 5.69 -49.90 -9.57
N TYR A 150 6.20 -49.37 -10.67
CA TYR A 150 6.98 -50.20 -11.61
C TYR A 150 8.29 -50.57 -10.96
N VAL A 151 8.77 -51.78 -11.24
CA VAL A 151 10.12 -52.17 -10.74
C VAL A 151 11.22 -51.84 -11.75
N LYS A 152 10.86 -51.38 -12.94
CA LYS A 152 11.83 -50.87 -13.89
C LYS A 152 12.84 -49.90 -13.22
N LYS A 153 14.12 -50.11 -13.54
CA LYS A 153 15.24 -49.49 -12.81
C LYS A 153 15.19 -47.92 -12.83
N ASP A 154 14.84 -47.33 -13.95
CA ASP A 154 14.86 -45.90 -13.99
C ASP A 154 13.65 -45.26 -13.23
N ILE A 155 12.57 -45.99 -13.06
CA ILE A 155 11.42 -45.51 -12.31
C ILE A 155 11.73 -45.59 -10.83
N LEU A 156 12.31 -46.72 -10.42
CA LEU A 156 12.78 -46.89 -9.08
C LEU A 156 13.83 -45.86 -8.72
N PHE A 157 14.74 -45.57 -9.66
CA PHE A 157 15.75 -44.55 -9.44
C PHE A 157 15.15 -43.11 -9.36
N ALA A 158 14.13 -42.81 -10.17
CA ALA A 158 13.46 -41.51 -10.03
C ALA A 158 12.85 -41.34 -8.64
N GLN A 159 12.26 -42.43 -8.15
CA GLN A 159 11.58 -42.46 -6.87
C GLN A 159 12.58 -42.32 -5.72
N GLN A 160 13.66 -43.13 -5.75
CA GLN A 160 14.73 -43.00 -4.72
C GLN A 160 15.24 -41.55 -4.67
N THR A 161 15.49 -40.96 -5.84
CA THR A 161 15.99 -39.58 -5.88
C THR A 161 15.03 -38.55 -5.25
N ALA A 162 13.73 -38.67 -5.52
CA ALA A 162 12.76 -37.77 -4.92
C ALA A 162 12.84 -37.97 -3.40
N GLU A 163 12.91 -39.22 -2.93
CA GLU A 163 12.99 -39.46 -1.47
C GLU A 163 14.19 -38.82 -0.91
N ASN A 164 15.32 -39.03 -1.56
CA ASN A 164 16.56 -38.38 -1.11
C ASN A 164 16.52 -36.85 -1.10
N ILE A 165 15.92 -36.23 -2.11
CA ILE A 165 15.77 -34.78 -2.14
C ILE A 165 14.89 -34.34 -0.97
N ALA A 166 13.78 -35.03 -0.75
CA ALA A 166 12.85 -34.65 0.35
C ALA A 166 13.61 -34.71 1.65
N ALA A 167 14.38 -35.79 1.82
CA ALA A 167 15.15 -35.93 3.09
C ALA A 167 16.19 -34.80 3.27
N LEU A 168 16.95 -34.51 2.20
CA LEU A 168 17.93 -33.45 2.21
C LEU A 168 17.35 -32.16 2.75
N LEU A 169 16.14 -31.84 2.27
CA LEU A 169 15.50 -30.55 2.53
C LEU A 169 14.42 -30.59 3.65
N THR A 170 14.50 -31.64 4.48
CA THR A 170 13.74 -31.75 5.70
C THR A 170 14.33 -30.83 6.79
N PRO A 171 13.47 -30.02 7.45
CA PRO A 171 13.94 -29.20 8.56
C PRO A 171 14.62 -30.05 9.65
N GLN A 172 15.76 -29.59 10.15
CA GLN A 172 16.58 -30.35 11.12
C GLN A 172 16.51 -29.80 12.55
N SER A 173 15.72 -28.75 12.78
CA SER A 173 15.72 -28.04 14.07
C SER A 173 15.19 -28.86 15.25
N GLY A 174 14.30 -29.83 15.03
CA GLY A 174 13.77 -30.68 16.12
C GLY A 174 12.49 -30.11 16.72
N ALA A 175 12.03 -28.95 16.22
CA ALA A 175 10.80 -28.30 16.71
C ALA A 175 9.59 -29.21 16.57
N TYR A 176 9.55 -29.91 15.44
CA TYR A 176 8.42 -30.76 15.09
C TYR A 176 8.15 -31.83 16.20
N TYR A 177 9.16 -32.63 16.50
CA TYR A 177 9.05 -33.63 17.55
C TYR A 177 8.92 -33.00 18.96
N ASP A 178 9.53 -31.85 19.18
CA ASP A 178 9.33 -31.13 20.46
C ASP A 178 7.85 -30.86 20.67
N LEU A 179 7.15 -30.33 19.68
CA LEU A 179 5.74 -29.95 19.90
C LEU A 179 4.78 -31.11 19.90
N TRP A 180 4.96 -32.06 18.99
CA TRP A 180 3.86 -33.04 18.70
C TRP A 180 4.00 -34.34 19.43
N VAL A 181 5.24 -34.68 19.79
CA VAL A 181 5.48 -35.89 20.58
C VAL A 181 6.39 -35.63 21.79
N ASP A 182 6.43 -34.40 22.32
CA ASP A 182 7.25 -34.03 23.52
C ASP A 182 8.67 -34.51 23.45
N GLY A 183 9.24 -34.42 22.25
CA GLY A 183 10.65 -34.73 22.02
C GLY A 183 11.05 -36.18 21.97
N GLU A 184 10.11 -37.13 22.08
CA GLU A 184 10.51 -38.54 22.15
C GLU A 184 11.01 -38.96 20.76
N LYS A 185 11.57 -40.16 20.65
CA LYS A 185 12.24 -40.59 19.40
C LYS A 185 11.37 -41.66 18.72
N ILE A 186 11.23 -41.55 17.41
CA ILE A 186 10.35 -42.42 16.64
C ILE A 186 11.25 -43.10 15.62
N MET A 187 11.15 -44.42 15.45
CA MET A 187 11.97 -45.14 14.43
C MET A 187 11.41 -44.79 13.04
N GLU A 190 16.23 -45.04 8.38
CA GLU A 190 17.62 -44.48 8.36
C GLU A 190 18.02 -43.92 6.99
N GLU A 191 18.47 -42.67 6.92
CA GLU A 191 18.64 -42.06 5.57
C GLU A 191 19.88 -42.62 4.91
N PRO A 192 19.84 -42.81 3.58
CA PRO A 192 21.08 -43.23 2.90
C PRO A 192 22.24 -42.28 3.23
N PRO A 193 23.47 -42.83 3.36
CA PRO A 193 24.63 -41.94 3.63
C PRO A 193 24.93 -40.86 2.55
N GLU A 194 24.59 -41.10 1.30
CA GLU A 194 24.72 -40.05 0.26
C GLU A 194 23.97 -38.74 0.66
N VAL A 195 22.83 -38.89 1.36
CA VAL A 195 22.01 -37.78 1.77
C VAL A 195 22.73 -37.00 2.84
N THR A 196 23.11 -37.72 3.90
CA THR A 196 23.79 -37.15 5.05
C THR A 196 25.05 -36.40 4.60
N LYS A 197 25.89 -37.04 3.78
CA LYS A 197 27.11 -36.37 3.31
C LYS A 197 26.80 -35.12 2.45
N ALA A 198 25.81 -35.20 1.57
CA ALA A 198 25.42 -34.00 0.79
C ALA A 198 24.93 -32.87 1.67
N ARG A 199 24.10 -33.18 2.65
CA ARG A 199 23.56 -32.15 3.52
C ARG A 199 24.71 -31.50 4.27
N ASN A 200 25.59 -32.32 4.84
CA ASN A 200 26.76 -31.81 5.56
C ASN A 200 27.77 -31.05 4.74
N ASP A 201 27.85 -31.29 3.44
CA ASP A 201 28.90 -30.66 2.64
C ASP A 201 28.82 -29.14 2.66
N ASN A 202 29.91 -28.50 3.02
CA ASN A 202 30.03 -27.04 2.88
C ASN A 202 31.28 -26.61 2.12
N SER A 203 31.78 -27.42 1.19
CA SER A 203 32.98 -26.97 0.44
C SER A 203 32.72 -25.74 -0.41
N HIS A 204 31.45 -25.40 -0.71
CA HIS A 204 31.23 -24.19 -1.50
C HIS A 204 30.38 -23.16 -0.80
N GLY A 205 30.41 -23.13 0.53
CA GLY A 205 29.78 -22.05 1.31
C GLY A 205 28.27 -22.05 1.20
N THR A 206 27.68 -23.21 0.99
CA THR A 206 26.23 -23.38 0.96
C THR A 206 25.53 -23.37 2.32
N ASN A 207 26.23 -23.75 3.37
CA ASN A 207 25.60 -24.12 4.63
C ASN A 207 25.82 -23.08 5.73
N PHE A 208 25.05 -23.18 6.82
CA PHE A 208 25.29 -22.47 8.09
C PHE A 208 25.74 -23.55 9.12
N PRO A 209 27.06 -23.86 9.16
CA PRO A 209 27.52 -25.06 9.90
C PRO A 209 27.27 -25.05 11.40
N ASP A 210 27.07 -23.88 12.00
CA ASP A 210 26.77 -23.88 13.42
C ASP A 210 25.28 -23.75 13.74
N SER A 211 24.45 -23.63 12.71
CA SER A 211 23.01 -23.42 12.90
C SER A 211 22.21 -24.69 13.07
N PRO A 212 21.15 -24.64 13.90
CA PRO A 212 20.25 -25.80 13.95
C PRO A 212 19.63 -26.17 12.55
N GLU A 213 19.69 -25.25 11.60
CA GLU A 213 19.29 -25.50 10.22
C GLU A 213 20.43 -25.19 9.30
N PRO A 214 21.24 -26.20 9.01
CA PRO A 214 22.44 -25.97 8.17
C PRO A 214 22.14 -25.55 6.73
N ILE A 215 20.95 -25.87 6.22
CA ILE A 215 20.58 -25.40 4.89
C ILE A 215 19.65 -24.20 5.00
N TYR A 216 18.60 -24.33 5.81
CA TYR A 216 17.56 -23.30 5.85
C TYR A 216 17.94 -22.04 6.62
N GLY A 217 18.79 -22.18 7.64
CA GLY A 217 19.11 -21.07 8.54
C GLY A 217 17.90 -20.67 9.35
N THR A 218 18.05 -19.54 10.03
CA THR A 218 17.02 -18.91 10.85
C THR A 218 15.80 -18.47 10.03
N GLN A 219 16.06 -17.96 8.84
CA GLN A 219 15.00 -17.39 7.99
C GLN A 219 14.31 -18.39 7.04
N TYR A 220 14.80 -19.63 6.94
CA TYR A 220 14.21 -20.64 6.01
C TYR A 220 14.22 -20.04 4.58
N LEU A 221 13.31 -20.44 3.70
CA LEU A 221 13.30 -19.89 2.37
C LEU A 221 12.38 -18.66 2.26
N PRO A 222 12.43 -17.92 1.12
CA PRO A 222 11.56 -16.74 1.02
C PRO A 222 10.09 -17.12 0.82
N ARG A 223 9.85 -18.41 0.54
CA ARG A 223 8.52 -18.93 0.13
C ARG A 223 8.62 -20.43 -0.09
N LYS A 224 7.46 -21.07 -0.24
CA LYS A 224 7.42 -22.46 -0.66
C LYS A 224 8.31 -22.73 -1.89
N PHE A 225 8.80 -23.96 -1.96
CA PHE A 225 9.70 -24.41 -2.97
C PHE A 225 9.23 -25.79 -3.41
N LYS A 226 9.11 -25.99 -4.73
CA LYS A 226 8.51 -27.23 -5.31
C LYS A 226 9.40 -27.96 -6.32
N VAL A 227 9.59 -29.27 -6.10
CA VAL A 227 10.46 -30.13 -6.90
C VAL A 227 9.67 -31.34 -7.47
N ALA A 228 9.94 -31.70 -8.71
CA ALA A 228 9.33 -32.89 -9.29
C ALA A 228 10.39 -33.70 -10.03
N VAL A 229 10.42 -35.01 -9.77
CA VAL A 229 11.36 -35.95 -10.41
C VAL A 229 10.61 -36.88 -11.33
N THR A 230 11.16 -37.23 -12.50
CA THR A 230 10.53 -38.23 -13.36
C THR A 230 11.51 -38.88 -14.27
N ALA A 231 11.03 -39.82 -15.04
CA ALA A 231 11.85 -40.47 -16.08
C ALA A 231 11.41 -39.88 -17.43
N ALA A 232 12.32 -39.98 -18.41
CA ALA A 232 12.18 -39.32 -19.68
C ALA A 232 10.83 -39.77 -20.24
N GLY A 233 10.02 -38.84 -20.75
CA GLY A 233 8.73 -39.25 -21.36
C GLY A 233 7.51 -39.12 -20.47
N ASP A 234 7.68 -39.29 -19.16
CA ASP A 234 6.52 -39.43 -18.26
C ASP A 234 6.28 -38.07 -17.60
N ASN A 235 5.27 -37.35 -18.11
CA ASN A 235 4.91 -36.06 -17.49
C ASN A 235 3.65 -36.09 -16.61
N SER A 236 3.45 -37.22 -15.90
CA SER A 236 2.41 -37.28 -14.89
C SER A 236 2.61 -36.16 -13.86
N VAL A 237 3.87 -35.81 -13.61
CA VAL A 237 4.27 -34.83 -12.55
C VAL A 237 4.12 -33.33 -12.88
N ASP A 238 3.81 -33.03 -14.16
CA ASP A 238 3.53 -31.67 -14.63
C ASP A 238 4.77 -30.86 -14.32
N ILE A 239 5.87 -31.40 -14.82
CA ILE A 239 7.22 -30.98 -14.41
C ILE A 239 7.49 -29.49 -14.65
N LEU A 240 6.92 -28.95 -15.70
CA LEU A 240 7.31 -27.60 -16.08
C LEU A 240 6.81 -26.54 -15.10
N THR A 241 5.86 -26.90 -14.21
CA THR A 241 5.32 -25.94 -13.23
C THR A 241 6.14 -25.74 -11.97
N ASN A 242 7.14 -26.61 -11.78
CA ASN A 242 7.87 -26.65 -10.51
C ASN A 242 9.09 -25.71 -10.45
N ASP A 243 9.51 -25.36 -9.24
CA ASP A 243 10.78 -24.65 -9.02
C ASP A 243 11.97 -25.41 -9.62
N ILE A 244 11.98 -26.73 -9.46
CA ILE A 244 12.98 -27.59 -10.07
C ILE A 244 12.29 -28.81 -10.62
N GLY A 245 12.57 -29.10 -11.88
CA GLY A 245 12.22 -30.37 -12.42
C GLY A 245 13.49 -31.18 -12.69
N VAL A 246 13.40 -32.47 -12.43
CA VAL A 246 14.57 -33.39 -12.49
C VAL A 246 14.14 -34.59 -13.33
N VAL A 247 14.94 -34.94 -14.32
CA VAL A 247 14.60 -36.02 -15.24
C VAL A 247 15.73 -36.99 -15.32
N VAL A 248 15.45 -38.25 -15.00
CA VAL A 248 16.45 -39.30 -15.11
C VAL A 248 16.84 -39.50 -16.57
N VAL A 249 18.13 -39.55 -16.83
CA VAL A 249 18.69 -39.92 -18.15
C VAL A 249 19.44 -41.22 -17.93
N SER A 250 19.17 -42.16 -18.82
CA SER A 250 19.67 -43.51 -18.78
C SER A 250 20.43 -43.84 -20.08
N ASP A 251 21.44 -44.71 -19.97
CA ASP A 251 22.12 -45.25 -21.21
C ASP A 251 21.19 -46.22 -21.96
N ASP A 252 21.68 -46.79 -23.06
CA ASP A 252 20.82 -47.60 -23.94
C ASP A 252 20.29 -48.86 -23.31
N ALA A 253 21.03 -49.42 -22.36
CA ALA A 253 20.58 -50.58 -21.61
C ALA A 253 19.60 -50.24 -20.44
N GLY A 254 19.19 -48.96 -20.28
CA GLY A 254 18.26 -48.58 -19.18
C GLY A 254 18.93 -48.34 -17.83
N GLU A 255 20.26 -48.23 -17.84
CA GLU A 255 20.97 -47.94 -16.61
C GLU A 255 21.02 -46.40 -16.49
N PRO A 256 20.52 -45.85 -15.38
CA PRO A 256 20.62 -44.37 -15.13
C PRO A 256 22.05 -43.88 -15.14
N ILE A 257 22.29 -42.76 -15.79
CA ILE A 257 23.61 -42.14 -15.75
C ILE A 257 23.62 -40.71 -15.17
N GLY A 258 22.48 -40.00 -15.23
CA GLY A 258 22.44 -38.68 -14.67
C GLY A 258 21.07 -38.07 -14.83
N PHE A 259 21.02 -36.75 -14.73
CA PHE A 259 19.75 -36.00 -14.69
C PHE A 259 19.79 -34.76 -15.55
N ASN A 260 18.76 -34.54 -16.37
CA ASN A 260 18.50 -33.21 -16.85
C ASN A 260 17.77 -32.44 -15.75
N ILE A 261 17.98 -31.13 -15.71
CA ILE A 261 17.35 -30.28 -14.70
C ILE A 261 16.68 -29.07 -15.36
N TYR A 262 15.52 -28.71 -14.84
CA TYR A 262 14.78 -27.51 -15.23
C TYR A 262 14.63 -26.62 -14.01
N VAL A 263 14.50 -25.29 -14.22
CA VAL A 263 14.27 -24.38 -13.09
C VAL A 263 13.37 -23.23 -13.37
N GLY A 264 12.60 -22.87 -12.35
CA GLY A 264 11.83 -21.64 -12.42
C GLY A 264 10.43 -21.65 -12.97
N GLY A 265 9.68 -22.73 -12.75
CA GLY A 265 8.26 -22.73 -13.04
C GLY A 265 7.45 -22.29 -11.82
N GLY A 266 6.21 -21.99 -12.03
CA GLY A 266 5.26 -21.61 -10.95
C GLY A 266 3.93 -21.24 -11.62
N MET A 267 2.79 -21.46 -10.94
CA MET A 267 1.49 -21.09 -11.49
C MET A 267 0.97 -19.76 -10.93
N GLY A 268 1.35 -19.43 -9.69
CA GLY A 268 0.65 -18.41 -8.92
C GLY A 268 0.68 -17.00 -9.52
N ARG A 269 -0.48 -16.37 -9.59
CA ARG A 269 -0.61 -15.00 -10.04
C ARG A 269 -1.82 -14.37 -9.39
N THR A 270 -1.96 -13.04 -9.53
CA THR A 270 -3.05 -12.26 -8.88
C THR A 270 -3.75 -11.45 -9.96
N HIS A 271 -5.08 -11.55 -10.00
CA HIS A 271 -5.93 -10.83 -10.91
C HIS A 271 -5.62 -9.33 -10.92
N ARG A 272 -5.58 -8.74 -12.12
CA ARG A 272 -5.38 -7.32 -12.28
C ARG A 272 -3.96 -6.88 -11.78
N VAL A 273 -3.02 -7.81 -11.59
CA VAL A 273 -1.62 -7.46 -11.30
C VAL A 273 -0.69 -8.14 -12.30
N GLU A 274 -0.44 -7.44 -13.39
CA GLU A 274 0.16 -8.04 -14.55
C GLU A 274 1.62 -8.39 -14.35
N THR A 275 2.29 -7.80 -13.36
CA THR A 275 3.65 -8.25 -13.00
C THR A 275 3.67 -9.64 -12.28
N THR A 276 2.48 -10.23 -12.03
CA THR A 276 2.43 -11.60 -11.58
C THR A 276 1.94 -12.45 -12.73
N PHE A 277 2.53 -13.65 -12.83
CA PHE A 277 2.24 -14.54 -13.93
C PHE A 277 2.71 -15.99 -13.69
N PRO A 278 2.06 -16.92 -14.35
CA PRO A 278 2.60 -18.30 -14.38
C PRO A 278 3.81 -18.33 -15.31
N ARG A 279 4.65 -19.30 -15.17
CA ARG A 279 5.88 -19.40 -15.94
C ARG A 279 6.27 -20.90 -16.05
N LEU A 280 6.69 -21.33 -17.23
CA LEU A 280 7.32 -22.64 -17.43
C LEU A 280 8.79 -22.61 -16.98
N ALA A 281 9.25 -23.74 -16.45
CA ALA A 281 10.62 -23.88 -16.01
C ALA A 281 11.55 -23.95 -17.21
N ASP A 282 12.74 -23.32 -17.11
CA ASP A 282 13.71 -23.44 -18.22
C ASP A 282 14.57 -24.69 -18.09
N PRO A 283 14.99 -25.28 -19.22
CA PRO A 283 16.05 -26.26 -19.21
C PRO A 283 17.30 -25.64 -18.66
N LEU A 284 17.94 -26.22 -17.66
CA LEU A 284 19.11 -25.57 -17.05
C LEU A 284 20.40 -26.24 -17.54
N GLY A 285 20.42 -27.58 -17.51
CA GLY A 285 21.64 -28.35 -17.77
C GLY A 285 21.45 -29.80 -17.31
N TYR A 286 22.55 -30.54 -17.40
CA TYR A 286 22.66 -31.98 -17.06
C TYR A 286 23.74 -32.12 -15.99
N VAL A 287 23.54 -33.06 -15.07
CA VAL A 287 24.61 -33.45 -14.14
C VAL A 287 24.69 -34.95 -14.07
N PRO A 288 25.88 -35.46 -13.76
CA PRO A 288 26.01 -36.91 -13.59
C PRO A 288 25.31 -37.34 -12.30
N LYS A 289 24.95 -38.60 -12.23
CA LYS A 289 24.01 -39.02 -11.18
C LYS A 289 24.51 -38.77 -9.80
N GLU A 290 25.83 -38.93 -9.57
CA GLU A 290 26.37 -38.73 -8.22
C GLU A 290 26.24 -37.27 -7.75
N ASP A 291 26.04 -36.34 -8.65
CA ASP A 291 26.03 -34.95 -8.30
C ASP A 291 24.68 -34.37 -7.92
N ILE A 292 23.60 -35.14 -8.12
CA ILE A 292 22.27 -34.59 -8.08
C ILE A 292 21.96 -33.79 -6.81
N LEU A 293 22.30 -34.33 -5.65
CA LEU A 293 21.93 -33.68 -4.39
C LEU A 293 22.71 -32.36 -4.16
N TYR A 294 23.97 -32.34 -4.60
CA TYR A 294 24.82 -31.13 -4.63
C TYR A 294 24.24 -30.06 -5.56
N ALA A 295 23.78 -30.47 -6.75
CA ALA A 295 23.19 -29.49 -7.66
C ALA A 295 21.85 -28.95 -7.11
N ILE A 296 21.04 -29.84 -6.53
CA ILE A 296 19.78 -29.43 -5.95
C ILE A 296 20.03 -28.41 -4.83
N LYS A 297 20.93 -28.73 -3.91
CA LYS A 297 21.23 -27.76 -2.83
C LYS A 297 21.70 -26.41 -3.35
N ALA A 298 22.59 -26.46 -4.35
CA ALA A 298 23.10 -25.23 -4.97
C ALA A 298 21.97 -24.33 -5.43
N ILE A 299 20.96 -24.94 -6.05
CA ILE A 299 19.79 -24.19 -6.61
C ILE A 299 18.98 -23.62 -5.50
N VAL A 300 18.66 -24.48 -4.52
CA VAL A 300 17.93 -24.06 -3.31
C VAL A 300 18.63 -22.87 -2.63
N VAL A 301 19.96 -22.97 -2.50
CA VAL A 301 20.74 -21.96 -1.78
C VAL A 301 20.72 -20.62 -2.54
N THR A 302 20.78 -20.72 -3.86
CA THR A 302 20.72 -19.55 -4.69
C THR A 302 19.36 -18.84 -4.47
N GLN A 303 18.26 -19.59 -4.40
CA GLN A 303 16.99 -18.99 -4.01
C GLN A 303 16.98 -18.49 -2.56
N ARG A 304 17.56 -19.24 -1.64
CA ARG A 304 17.59 -18.80 -0.27
C ARG A 304 18.22 -17.42 -0.09
N GLU A 305 19.35 -17.22 -0.74
CA GLU A 305 20.16 -16.04 -0.57
C GLU A 305 19.63 -14.87 -1.42
N ASN A 306 18.89 -15.16 -2.51
CA ASN A 306 18.52 -14.07 -3.47
C ASN A 306 17.02 -13.82 -3.73
N GLY A 307 16.14 -14.73 -3.37
CA GLY A 307 14.73 -14.48 -3.56
C GLY A 307 14.29 -13.35 -2.65
N ARG A 308 13.39 -12.51 -3.18
CA ARG A 308 12.87 -11.37 -2.42
C ARG A 308 12.10 -11.77 -1.17
N ARG A 309 12.38 -11.01 -0.13
CA ARG A 309 11.81 -11.14 1.21
C ARG A 309 11.08 -9.85 1.68
N ASP A 310 10.98 -8.86 0.81
CA ASP A 310 10.21 -7.67 1.13
C ASP A 310 8.75 -7.87 0.76
N ASP A 311 8.48 -8.37 -0.45
CA ASP A 311 7.11 -8.53 -0.92
C ASP A 311 6.92 -9.99 -1.40
N ARG A 312 6.10 -10.73 -0.65
CA ARG A 312 5.87 -12.16 -0.89
C ARG A 312 5.24 -12.54 -2.25
N LYS A 313 4.55 -11.61 -2.90
CA LYS A 313 4.08 -11.79 -4.30
C LYS A 313 5.21 -12.04 -5.29
N TYR A 314 6.42 -11.56 -4.99
CA TYR A 314 7.55 -11.61 -5.94
C TYR A 314 8.73 -12.47 -5.41
N SER A 315 8.44 -13.30 -4.40
CA SER A 315 9.46 -14.13 -3.73
C SER A 315 9.78 -15.49 -4.40
N ARG A 316 8.86 -16.10 -5.16
CA ARG A 316 9.14 -17.44 -5.76
C ARG A 316 10.34 -17.35 -6.75
N MET A 317 11.09 -18.42 -6.84
CA MET A 317 12.29 -18.48 -7.70
C MET A 317 12.01 -18.12 -9.17
N LYS A 318 10.81 -18.37 -9.69
CA LYS A 318 10.50 -17.98 -11.07
C LYS A 318 10.81 -16.52 -11.34
N TYR A 319 10.63 -15.64 -10.33
CA TYR A 319 10.85 -14.21 -10.50
C TYR A 319 12.32 -13.86 -10.58
N MET A 320 13.17 -14.41 -9.70
CA MET A 320 14.59 -14.11 -9.83
C MET A 320 15.08 -14.56 -11.22
N ILE A 321 14.60 -15.70 -11.70
CA ILE A 321 15.02 -16.18 -12.99
C ILE A 321 14.49 -15.29 -14.10
N ASP A 322 13.26 -14.84 -13.98
CA ASP A 322 12.74 -13.89 -14.95
C ASP A 322 13.59 -12.63 -14.94
N ARG A 323 13.91 -12.10 -13.77
CA ARG A 323 14.71 -10.85 -13.71
C ARG A 323 16.15 -11.03 -14.21
N TRP A 324 16.86 -12.07 -13.76
CA TRP A 324 18.27 -12.27 -14.10
C TRP A 324 18.53 -12.89 -15.47
N GLY A 325 17.55 -13.66 -15.98
CA GLY A 325 17.72 -14.50 -17.18
C GLY A 325 18.42 -15.77 -16.78
N ILE A 326 18.19 -16.82 -17.56
CA ILE A 326 18.63 -18.20 -17.20
C ILE A 326 20.17 -18.35 -17.12
N ASP A 327 20.90 -17.59 -17.96
CA ASP A 327 22.37 -17.71 -17.98
C ASP A 327 23.02 -17.13 -16.73
N ARG A 328 22.62 -15.92 -16.31
CA ARG A 328 23.12 -15.37 -15.07
C ARG A 328 22.75 -16.26 -13.86
N PHE A 329 21.53 -16.81 -13.87
CA PHE A 329 21.11 -17.72 -12.79
C PHE A 329 21.99 -18.96 -12.71
N ARG A 330 22.19 -19.60 -13.85
CA ARG A 330 23.04 -20.75 -13.95
C ARG A 330 24.38 -20.45 -13.35
N ALA A 331 24.97 -19.30 -13.72
CA ALA A 331 26.32 -18.95 -13.26
C ALA A 331 26.31 -18.83 -11.76
N GLU A 332 25.29 -18.23 -11.20
CA GLU A 332 25.23 -18.11 -9.76
C GLU A 332 25.15 -19.48 -9.05
N VAL A 333 24.31 -20.36 -9.58
CA VAL A 333 24.14 -21.70 -9.04
C VAL A 333 25.46 -22.52 -9.07
N GLU A 334 26.16 -22.34 -10.18
CA GLU A 334 27.45 -22.97 -10.40
C GLU A 334 28.51 -22.54 -9.33
N LYS A 335 28.43 -21.31 -8.78
CA LYS A 335 29.29 -20.97 -7.64
C LYS A 335 29.01 -21.86 -6.42
N TYR A 336 27.75 -22.23 -6.15
CA TYR A 336 27.46 -23.10 -5.00
C TYR A 336 27.63 -24.59 -5.30
N TYR A 337 27.53 -24.97 -6.58
CA TYR A 337 27.70 -26.35 -7.04
C TYR A 337 29.22 -26.67 -7.10
N GLY A 338 30.03 -25.66 -7.41
CA GLY A 338 31.49 -25.81 -7.43
C GLY A 338 32.03 -26.34 -8.76
N LYS A 339 31.16 -26.38 -9.77
CA LYS A 339 31.53 -26.84 -11.07
C LYS A 339 30.40 -26.47 -12.02
N LYS A 340 30.67 -26.61 -13.30
CA LYS A 340 29.71 -26.27 -14.36
C LYS A 340 28.71 -27.37 -14.65
N PHE A 341 27.47 -26.98 -14.92
CA PHE A 341 26.48 -27.89 -15.51
C PHE A 341 26.95 -28.29 -16.90
N GLU A 342 26.70 -29.54 -17.31
CA GLU A 342 26.85 -29.92 -18.73
C GLU A 342 25.60 -29.43 -19.44
N SER A 343 25.65 -29.45 -20.76
CA SER A 343 24.54 -29.15 -21.64
C SER A 343 23.40 -30.06 -21.41
N PHE A 344 22.22 -29.48 -21.37
CA PHE A 344 21.00 -30.22 -21.24
C PHE A 344 20.91 -31.21 -22.41
N ARG A 345 20.61 -32.47 -22.15
CA ARG A 345 20.54 -33.49 -23.20
C ARG A 345 19.15 -33.62 -23.79
N PRO A 346 19.07 -34.07 -25.05
CA PRO A 346 17.76 -34.18 -25.65
C PRO A 346 16.88 -35.21 -24.94
N LEU A 347 15.60 -34.91 -24.89
CA LEU A 347 14.59 -35.77 -24.29
C LEU A 347 13.52 -36.09 -25.28
N PRO A 348 12.88 -37.26 -25.15
CA PRO A 348 11.70 -37.56 -25.97
C PRO A 348 10.54 -36.64 -25.59
N GLU A 349 9.56 -36.55 -26.47
CA GLU A 349 8.31 -35.89 -26.20
C GLU A 349 7.68 -36.27 -24.84
N TRP A 350 7.07 -35.30 -24.17
CA TRP A 350 6.37 -35.63 -22.94
C TRP A 350 5.07 -36.36 -23.25
N GLN A 351 4.67 -37.23 -22.35
CA GLN A 351 3.37 -37.84 -22.38
C GLN A 351 2.73 -37.80 -20.99
N PHE A 352 1.46 -37.45 -20.92
CA PHE A 352 0.67 -37.57 -19.68
C PHE A 352 0.40 -39.04 -19.42
N ASN A 353 0.54 -39.51 -18.19
CA ASN A 353 0.06 -40.87 -17.82
C ASN A 353 -0.82 -40.75 -16.56
N SER A 354 -2.01 -41.31 -16.61
CA SER A 354 -2.93 -41.30 -15.49
C SER A 354 -2.62 -42.46 -14.50
N TYR A 355 -1.99 -43.52 -15.01
CA TYR A 355 -1.76 -44.80 -14.23
C TYR A 355 -3.04 -45.47 -13.78
N LEU A 356 -4.13 -45.18 -14.45
CA LEU A 356 -5.39 -45.69 -14.05
C LEU A 356 -5.62 -47.08 -14.64
N GLY A 357 -6.46 -47.88 -13.97
CA GLY A 357 -6.85 -49.21 -14.47
C GLY A 357 -5.87 -50.28 -14.05
N TRP A 358 -6.07 -51.49 -14.58
CA TRP A 358 -5.28 -52.66 -14.17
C TRP A 358 -3.96 -52.73 -14.96
N GLN A 359 -2.84 -52.77 -14.26
CA GLN A 359 -1.52 -52.84 -14.93
C GLN A 359 -0.59 -53.76 -14.18
N GLU A 360 0.55 -54.07 -14.80
CA GLU A 360 1.60 -54.90 -14.23
C GLU A 360 2.74 -54.10 -13.61
N GLN A 361 3.15 -54.49 -12.41
CA GLN A 361 4.37 -53.90 -11.83
C GLN A 361 5.66 -54.32 -12.48
N GLY A 362 5.72 -55.54 -12.99
CA GLY A 362 6.98 -56.09 -13.51
C GLY A 362 7.62 -57.12 -12.56
N ASP A 363 7.05 -57.33 -11.37
CA ASP A 363 7.56 -58.32 -10.43
C ASP A 363 6.60 -59.48 -10.19
N GLY A 364 5.57 -59.62 -11.03
CA GLY A 364 4.58 -60.67 -10.83
C GLY A 364 3.29 -60.18 -10.25
N LYS A 365 3.33 -58.99 -9.66
CA LYS A 365 2.14 -58.39 -9.09
C LYS A 365 1.52 -57.31 -9.97
N LEU A 366 0.21 -57.09 -9.78
CA LEU A 366 -0.50 -56.01 -10.47
C LEU A 366 -0.56 -54.74 -9.64
N PHE A 367 -0.91 -53.64 -10.30
CA PHE A 367 -1.38 -52.48 -9.62
C PHE A 367 -2.66 -52.02 -10.28
N TYR A 368 -3.50 -51.32 -9.52
CA TYR A 368 -4.73 -50.76 -10.03
C TYR A 368 -4.83 -49.28 -9.65
N GLY A 369 -4.95 -48.39 -10.66
CA GLY A 369 -5.19 -46.99 -10.37
C GLY A 369 -6.65 -46.68 -10.30
N VAL A 370 -7.08 -46.11 -9.17
CA VAL A 370 -8.47 -45.78 -8.91
C VAL A 370 -8.76 -44.30 -9.26
N HIS A 371 -9.64 -44.09 -10.23
CA HIS A 371 -10.16 -42.77 -10.58
C HIS A 371 -10.94 -42.19 -9.42
N VAL A 372 -10.50 -41.06 -8.92
CA VAL A 372 -11.21 -40.27 -7.88
C VAL A 372 -11.39 -38.82 -8.34
N ASP A 373 -12.64 -38.41 -8.55
CA ASP A 373 -12.95 -36.99 -8.89
C ASP A 373 -12.54 -36.07 -7.73
N ASN A 374 -11.62 -35.18 -8.05
CA ASN A 374 -11.10 -34.16 -7.13
C ASN A 374 -10.32 -34.69 -5.97
N GLY A 375 -9.91 -35.96 -6.05
CA GLY A 375 -9.29 -36.58 -4.91
C GLY A 375 -10.13 -36.75 -3.65
N ARG A 376 -11.45 -36.55 -3.72
CA ARG A 376 -12.26 -36.56 -2.47
C ARG A 376 -12.75 -37.97 -2.18
N VAL A 377 -12.18 -38.57 -1.15
CA VAL A 377 -12.46 -39.89 -0.73
C VAL A 377 -13.38 -39.80 0.52
N GLY A 378 -14.60 -40.30 0.36
CA GLY A 378 -15.62 -40.20 1.39
C GLY A 378 -16.72 -41.22 1.15
N GLY A 379 -17.66 -41.31 2.09
CA GLY A 379 -18.81 -42.19 2.01
C GLY A 379 -18.45 -43.65 1.77
N GLN A 380 -19.17 -44.26 0.86
CA GLN A 380 -19.03 -45.69 0.62
C GLN A 380 -17.67 -46.01 -0.07
N ALA A 381 -17.27 -45.12 -0.98
CA ALA A 381 -15.99 -45.19 -1.66
C ALA A 381 -14.84 -45.29 -0.64
N LYS A 382 -14.85 -44.40 0.34
CA LYS A 382 -13.86 -44.45 1.42
C LYS A 382 -13.89 -45.81 2.18
N LYS A 383 -15.10 -46.20 2.56
CA LYS A 383 -15.27 -47.42 3.38
C LYS A 383 -14.73 -48.62 2.59
N THR A 384 -15.10 -48.72 1.32
CA THR A 384 -14.67 -49.85 0.47
C THR A 384 -13.16 -49.84 0.25
N LEU A 385 -12.59 -48.65 -0.02
CA LEU A 385 -11.14 -48.52 -0.21
C LEU A 385 -10.43 -48.98 1.03
N ARG A 386 -10.91 -48.57 2.22
CA ARG A 386 -10.28 -49.06 3.44
C ARG A 386 -10.37 -50.60 3.62
N GLU A 387 -11.56 -51.16 3.41
CA GLU A 387 -11.73 -52.61 3.53
C GLU A 387 -10.73 -53.35 2.65
N ILE A 388 -10.61 -52.94 1.40
CA ILE A 388 -9.69 -53.59 0.47
C ILE A 388 -8.23 -53.44 0.98
N ILE A 389 -7.83 -52.21 1.27
CA ILE A 389 -6.42 -51.92 1.66
C ILE A 389 -6.03 -52.71 2.93
N GLU A 390 -6.99 -52.84 3.83
CA GLU A 390 -6.73 -53.47 5.11
C GLU A 390 -6.77 -54.97 4.91
N LYS A 391 -7.78 -55.48 4.22
CA LYS A 391 -7.91 -56.92 4.06
C LYS A 391 -6.68 -57.46 3.34
N TYR A 392 -6.23 -56.82 2.27
CA TYR A 392 -5.07 -57.33 1.54
C TYR A 392 -3.72 -56.74 1.99
N ASN A 393 -3.71 -55.94 3.06
CA ASN A 393 -2.50 -55.35 3.57
C ASN A 393 -1.69 -54.62 2.45
N LEU A 394 -2.40 -53.81 1.65
CA LEU A 394 -1.79 -53.04 0.56
C LEU A 394 -1.18 -51.72 1.01
N ASP A 395 0.01 -51.46 0.48
CA ASP A 395 0.51 -50.12 0.33
C ASP A 395 -0.12 -49.47 -0.90
N VAL A 396 -0.13 -48.14 -0.92
CA VAL A 396 -0.81 -47.40 -1.99
C VAL A 396 0.07 -46.25 -2.37
N SER A 397 -0.26 -45.60 -3.49
CA SER A 397 0.37 -44.32 -3.80
C SER A 397 -0.57 -43.33 -4.45
N ILE A 398 -0.31 -42.05 -4.16
CA ILE A 398 -1.19 -40.93 -4.55
C ILE A 398 -0.56 -40.35 -5.81
N THR A 399 -1.40 -40.04 -6.80
CA THR A 399 -0.93 -39.49 -8.08
C THR A 399 -1.13 -37.97 -8.11
N PRO A 400 -0.39 -37.28 -9.00
CA PRO A 400 -0.57 -35.83 -9.05
C PRO A 400 -1.86 -35.40 -9.71
N ASN A 401 -2.69 -36.36 -10.14
CA ASN A 401 -4.01 -36.02 -10.64
C ASN A 401 -5.10 -36.39 -9.60
N GLN A 402 -4.66 -36.51 -8.34
CA GLN A 402 -5.56 -36.66 -7.20
C GLN A 402 -6.21 -38.02 -7.18
N ASN A 403 -5.53 -39.01 -7.75
CA ASN A 403 -6.00 -40.36 -7.79
C ASN A 403 -5.24 -41.27 -6.86
N LEU A 404 -5.74 -42.48 -6.66
CA LEU A 404 -5.11 -43.46 -5.74
C LEU A 404 -4.76 -44.76 -6.44
N ILE A 405 -3.51 -45.20 -6.31
CA ILE A 405 -3.07 -46.48 -6.87
C ILE A 405 -2.92 -47.53 -5.72
N LEU A 406 -3.57 -48.65 -5.92
CA LEU A 406 -3.49 -49.81 -5.06
C LEU A 406 -2.34 -50.70 -5.57
N CYS A 407 -1.30 -50.83 -4.75
CA CYS A 407 -0.08 -51.53 -5.17
C CYS A 407 -0.04 -52.96 -4.61
N GLY A 408 0.76 -53.77 -5.28
CA GLY A 408 1.16 -55.07 -4.75
C GLY A 408 0.04 -56.06 -4.75
N ILE A 409 -0.78 -56.07 -5.81
CA ILE A 409 -1.95 -56.95 -5.84
C ILE A 409 -1.66 -58.34 -6.53
N ASP A 410 -1.96 -59.46 -5.84
CA ASP A 410 -1.90 -60.77 -6.45
C ASP A 410 -2.97 -60.91 -7.54
N GLN A 411 -2.61 -61.66 -8.58
CA GLN A 411 -3.52 -61.98 -9.69
C GLN A 411 -4.85 -62.51 -9.16
N ALA A 412 -4.81 -63.42 -8.19
CA ALA A 412 -6.06 -63.99 -7.62
C ALA A 412 -6.97 -62.94 -6.97
N TRP A 413 -6.40 -61.80 -6.54
CA TRP A 413 -7.19 -60.74 -5.96
C TRP A 413 -7.89 -59.83 -6.99
N ARG A 414 -7.54 -59.93 -8.27
CA ARG A 414 -8.03 -58.94 -9.22
C ARG A 414 -9.55 -58.91 -9.31
N GLU A 415 -10.18 -60.06 -9.42
CA GLU A 415 -11.65 -60.15 -9.53
C GLU A 415 -12.42 -59.63 -8.30
N PRO A 416 -12.11 -60.13 -7.11
CA PRO A 416 -12.82 -59.63 -5.92
C PRO A 416 -12.57 -58.16 -5.61
N ILE A 417 -11.36 -57.66 -5.90
CA ILE A 417 -11.11 -56.21 -5.74
C ILE A 417 -11.95 -55.41 -6.74
N THR A 418 -11.95 -55.84 -7.99
CA THR A 418 -12.73 -55.24 -9.05
C THR A 418 -14.24 -55.17 -8.67
N THR A 419 -14.77 -56.30 -8.20
CA THR A 419 -16.17 -56.40 -7.81
C THR A 419 -16.51 -55.48 -6.66
N ALA A 420 -15.69 -55.47 -5.61
CA ALA A 420 -15.89 -54.55 -4.51
C ALA A 420 -15.85 -53.06 -4.95
N LEU A 421 -14.81 -52.68 -5.70
CA LEU A 421 -14.73 -51.30 -6.17
C LEU A 421 -15.96 -50.92 -6.96
N ALA A 422 -16.33 -51.74 -7.95
CA ALA A 422 -17.52 -51.41 -8.73
C ALA A 422 -18.79 -51.23 -7.85
N GLN A 423 -18.95 -52.07 -6.84
CA GLN A 423 -20.12 -52.00 -5.96
C GLN A 423 -20.23 -50.69 -5.16
N ALA A 424 -19.10 -50.05 -4.92
CA ALA A 424 -19.07 -48.81 -4.22
C ALA A 424 -19.09 -47.62 -5.17
N GLY A 425 -19.33 -47.84 -6.45
CA GLY A 425 -19.31 -46.73 -7.44
C GLY A 425 -17.93 -46.30 -7.94
N LEU A 426 -16.90 -47.09 -7.67
CA LEU A 426 -15.57 -46.77 -8.14
C LEU A 426 -15.28 -47.53 -9.45
N LEU A 427 -15.49 -46.83 -10.56
CA LEU A 427 -15.44 -47.36 -11.90
C LEU A 427 -14.04 -47.39 -12.53
N GLU A 428 -13.85 -48.38 -13.39
CA GLU A 428 -12.65 -48.43 -14.25
C GLU A 428 -12.72 -47.40 -15.34
N PRO A 429 -11.57 -46.99 -15.88
CA PRO A 429 -11.53 -45.86 -16.80
C PRO A 429 -12.48 -45.94 -17.99
N LYS A 430 -12.61 -47.12 -18.56
CA LYS A 430 -13.53 -47.31 -19.67
C LYS A 430 -14.99 -46.93 -19.34
N ASP A 431 -15.38 -46.91 -18.07
CA ASP A 431 -16.73 -46.52 -17.70
C ASP A 431 -16.88 -45.12 -17.13
N VAL A 432 -15.87 -44.28 -17.31
CA VAL A 432 -15.86 -42.91 -16.81
C VAL A 432 -15.76 -42.00 -17.99
N ASP A 433 -16.51 -40.89 -17.96
CA ASP A 433 -16.39 -39.88 -19.01
C ASP A 433 -14.89 -39.47 -19.13
N PRO A 434 -14.32 -39.49 -20.34
CA PRO A 434 -12.90 -39.10 -20.45
C PRO A 434 -12.62 -37.67 -20.00
N LEU A 435 -13.60 -36.77 -20.05
CA LEU A 435 -13.46 -35.45 -19.42
C LEU A 435 -13.06 -35.55 -17.91
N ASN A 436 -13.71 -36.45 -17.17
CA ASN A 436 -13.47 -36.59 -15.73
C ASN A 436 -12.10 -37.19 -15.48
N LEU A 437 -11.63 -38.08 -16.37
CA LEU A 437 -10.35 -38.77 -16.10
C LEU A 437 -9.19 -37.80 -16.01
N THR A 438 -9.20 -36.74 -16.86
CA THR A 438 -8.15 -35.78 -16.91
C THR A 438 -8.52 -34.44 -16.20
N ALA A 439 -9.73 -34.34 -15.63
CA ALA A 439 -10.13 -33.10 -14.93
C ALA A 439 -9.56 -33.02 -13.53
N MET A 440 -9.36 -31.78 -13.09
CA MET A 440 -8.94 -31.50 -11.72
C MET A 440 -9.53 -30.17 -11.21
N ALA A 441 -9.95 -30.15 -9.93
CA ALA A 441 -10.33 -28.92 -9.26
C ALA A 441 -9.71 -28.88 -7.87
N CYS A 442 -9.43 -27.67 -7.43
CA CYS A 442 -8.94 -27.42 -6.11
C CYS A 442 -10.12 -27.42 -5.08
N PRO A 443 -9.82 -27.46 -3.77
CA PRO A 443 -10.93 -27.51 -2.80
C PRO A 443 -11.74 -26.21 -2.81
N ALA A 444 -11.04 -25.07 -2.95
CA ALA A 444 -11.72 -23.78 -2.94
C ALA A 444 -12.74 -23.73 -1.75
N LEU A 445 -13.94 -23.22 -1.93
CA LEU A 445 -14.93 -23.13 -0.86
C LEU A 445 -15.36 -24.54 -0.47
N PRO A 446 -15.65 -24.78 0.80
CA PRO A 446 -15.92 -23.78 1.80
C PRO A 446 -14.78 -23.45 2.77
N LEU A 447 -13.66 -24.19 2.75
CA LEU A 447 -12.64 -23.98 3.77
C LEU A 447 -11.45 -23.18 3.32
N CYS A 448 -11.26 -23.01 2.01
CA CYS A 448 -10.14 -22.20 1.55
C CYS A 448 -10.38 -20.71 1.82
N PRO A 449 -9.46 -20.07 2.53
CA PRO A 449 -9.73 -18.65 2.78
C PRO A 449 -9.44 -17.75 1.61
N LEU A 450 -8.76 -18.22 0.55
CA LEU A 450 -8.46 -17.33 -0.61
C LEU A 450 -9.45 -17.51 -1.72
N ALA A 451 -10.34 -18.49 -1.66
CA ALA A 451 -11.29 -18.71 -2.76
C ALA A 451 -12.21 -17.51 -3.02
N GLN A 452 -12.38 -17.20 -4.31
CA GLN A 452 -13.34 -16.22 -4.76
C GLN A 452 -14.62 -16.93 -5.20
N THR A 453 -14.46 -18.19 -5.64
CA THR A 453 -15.63 -18.97 -6.00
C THR A 453 -15.38 -20.48 -5.87
N GLU A 454 -16.34 -21.28 -6.31
CA GLU A 454 -16.31 -22.74 -6.23
C GLU A 454 -15.33 -23.33 -7.24
N ALA A 455 -14.79 -24.49 -6.89
CA ALA A 455 -14.06 -25.27 -7.87
C ALA A 455 -14.48 -26.73 -7.69
N GLU A 456 -13.96 -27.39 -6.67
CA GLU A 456 -14.37 -28.74 -6.38
C GLU A 456 -15.89 -28.88 -6.39
N ARG A 457 -16.60 -28.00 -5.71
CA ARG A 457 -18.07 -28.19 -5.61
C ARG A 457 -18.79 -27.75 -6.84
N GLY A 458 -18.10 -27.15 -7.82
CA GLY A 458 -18.76 -26.79 -9.14
C GLY A 458 -18.32 -27.55 -10.37
N ILE A 459 -17.23 -28.31 -10.26
CA ILE A 459 -16.66 -28.84 -11.46
C ILE A 459 -17.48 -29.91 -12.10
N LEU A 460 -18.09 -30.79 -11.31
CA LEU A 460 -18.79 -31.93 -11.91
C LEU A 460 -19.98 -31.49 -12.78
N PRO A 461 -20.79 -30.53 -12.30
CA PRO A 461 -21.84 -30.08 -13.20
C PRO A 461 -21.28 -29.39 -14.46
N ILE A 462 -20.13 -28.71 -14.31
CA ILE A 462 -19.47 -28.11 -15.50
C ILE A 462 -19.07 -29.15 -16.52
N LEU A 463 -18.56 -30.30 -16.08
CA LEU A 463 -18.10 -31.33 -17.00
C LEU A 463 -19.30 -31.88 -17.79
N LYS A 464 -20.40 -32.16 -17.11
CA LYS A 464 -21.65 -32.63 -17.77
C LYS A 464 -22.09 -31.58 -18.77
N ARG A 465 -21.99 -30.31 -18.44
CA ARG A 465 -22.36 -29.25 -19.45
C ARG A 465 -21.40 -29.25 -20.65
N ILE A 466 -20.11 -29.50 -20.39
CA ILE A 466 -19.18 -29.64 -21.52
C ILE A 466 -19.56 -30.84 -22.41
N ARG A 467 -19.84 -32.01 -21.80
CA ARG A 467 -20.23 -33.21 -22.56
C ARG A 467 -21.51 -32.93 -23.37
N ALA A 468 -22.45 -32.19 -22.78
CA ALA A 468 -23.70 -31.80 -23.50
C ALA A 468 -23.40 -30.85 -24.68
N VAL A 469 -22.44 -29.94 -24.52
CA VAL A 469 -22.00 -29.15 -25.68
C VAL A 469 -21.36 -29.99 -26.80
N PHE A 470 -20.52 -30.94 -26.42
CA PHE A 470 -19.97 -31.90 -27.38
C PHE A 470 -21.06 -32.64 -28.18
N ASN A 471 -22.03 -33.19 -27.44
CA ASN A 471 -23.17 -33.87 -28.05
C ASN A 471 -23.94 -33.00 -28.99
N LYS A 472 -24.19 -31.78 -28.58
CA LYS A 472 -24.91 -30.86 -29.40
C LYS A 472 -24.13 -30.57 -30.69
N VAL A 473 -22.82 -30.39 -30.57
CA VAL A 473 -22.04 -30.02 -31.73
C VAL A 473 -21.79 -31.19 -32.64
N GLY A 474 -21.95 -32.42 -32.15
CA GLY A 474 -21.65 -33.62 -32.93
C GLY A 474 -20.29 -34.24 -32.66
N ILE A 475 -19.66 -33.91 -31.54
CA ILE A 475 -18.42 -34.53 -31.15
C ILE A 475 -18.72 -35.86 -30.46
N LYS A 476 -17.92 -36.88 -30.78
CA LYS A 476 -18.02 -38.25 -30.24
C LYS A 476 -17.72 -38.31 -28.77
N ASP A 477 -18.37 -39.21 -28.06
CA ASP A 477 -18.23 -39.19 -26.62
C ASP A 477 -16.91 -39.79 -26.12
N SER A 478 -16.09 -40.30 -27.02
CA SER A 478 -14.79 -40.71 -26.64
C SER A 478 -13.77 -39.53 -26.78
N GLU A 479 -14.16 -38.37 -27.32
CA GLU A 479 -13.29 -37.20 -27.40
C GLU A 479 -13.39 -36.41 -26.08
N SER A 480 -12.30 -35.67 -25.81
CA SER A 480 -12.09 -35.01 -24.55
C SER A 480 -11.16 -33.77 -24.68
N VAL A 481 -11.16 -32.94 -23.66
CA VAL A 481 -10.12 -31.94 -23.44
C VAL A 481 -9.80 -31.92 -21.95
N VAL A 482 -8.57 -31.52 -21.63
CA VAL A 482 -8.18 -31.33 -20.24
C VAL A 482 -8.81 -30.08 -19.60
N VAL A 483 -9.62 -30.31 -18.58
CA VAL A 483 -10.36 -29.25 -17.90
C VAL A 483 -9.84 -29.16 -16.48
N ARG A 484 -9.35 -28.00 -16.12
CA ARG A 484 -8.87 -27.71 -14.78
C ARG A 484 -9.54 -26.44 -14.27
N ILE A 485 -9.99 -26.44 -13.00
CA ILE A 485 -10.71 -25.33 -12.42
C ILE A 485 -10.14 -24.99 -11.02
N THR A 486 -9.86 -23.70 -10.81
CA THR A 486 -9.56 -23.17 -9.53
C THR A 486 -10.62 -22.11 -9.13
N GLY A 487 -10.69 -21.88 -7.81
CA GLY A 487 -11.58 -20.88 -7.19
C GLY A 487 -10.93 -19.52 -7.09
N CYS A 488 -9.64 -19.45 -7.43
CA CYS A 488 -8.89 -18.21 -7.43
C CYS A 488 -7.61 -18.39 -8.27
N PRO A 489 -6.84 -17.32 -8.51
CA PRO A 489 -5.75 -17.42 -9.47
C PRO A 489 -4.43 -18.00 -8.94
N ASN A 490 -4.42 -18.49 -7.70
CA ASN A 490 -3.25 -19.14 -7.16
C ASN A 490 -2.80 -20.37 -7.91
N GLY A 491 -3.75 -21.07 -8.52
CA GLY A 491 -3.50 -22.08 -9.52
C GLY A 491 -3.22 -23.50 -9.00
N CYS A 492 -3.83 -23.84 -7.86
CA CYS A 492 -3.55 -25.10 -7.16
C CYS A 492 -3.88 -26.41 -7.93
N ALA A 493 -4.78 -26.31 -8.92
CA ALA A 493 -5.09 -27.39 -9.81
C ALA A 493 -4.36 -27.21 -11.18
N ARG A 494 -3.29 -26.41 -11.15
CA ARG A 494 -2.48 -26.12 -12.33
C ARG A 494 -3.33 -25.80 -13.58
N PRO A 495 -4.25 -24.87 -13.46
CA PRO A 495 -5.19 -24.55 -14.57
C PRO A 495 -4.52 -23.94 -15.80
N TYR A 496 -3.37 -23.30 -15.57
CA TYR A 496 -2.66 -22.57 -16.60
C TYR A 496 -1.97 -23.47 -17.59
N MET A 497 -1.98 -24.77 -17.31
CA MET A 497 -1.52 -25.83 -18.25
C MET A 497 -2.68 -26.51 -18.94
N ALA A 498 -3.92 -26.08 -18.67
CA ALA A 498 -5.07 -26.81 -19.22
C ALA A 498 -5.34 -26.48 -20.67
N GLU A 499 -5.97 -27.43 -21.38
CA GLU A 499 -6.64 -27.14 -22.68
C GLU A 499 -7.83 -26.21 -22.48
N LEU A 500 -8.49 -26.35 -21.33
CA LEU A 500 -9.60 -25.49 -20.96
C LEU A 500 -9.53 -25.24 -19.49
N GLY A 501 -9.06 -24.07 -19.13
CA GLY A 501 -8.86 -23.71 -17.74
C GLY A 501 -9.93 -22.72 -17.29
N PHE A 502 -10.50 -22.92 -16.10
CA PHE A 502 -11.48 -21.96 -15.53
C PHE A 502 -10.88 -21.48 -14.20
N VAL A 503 -10.63 -20.17 -14.12
CA VAL A 503 -9.97 -19.63 -12.98
C VAL A 503 -10.89 -18.59 -12.37
N GLY A 504 -11.32 -18.87 -11.15
CA GLY A 504 -12.25 -18.02 -10.43
C GLY A 504 -11.81 -16.56 -10.42
N ASP A 505 -12.68 -15.67 -10.85
CA ASP A 505 -12.30 -14.23 -10.82
C ASP A 505 -13.44 -13.32 -10.34
N GLY A 506 -14.44 -13.93 -9.72
CA GLY A 506 -15.54 -13.24 -9.09
C GLY A 506 -16.39 -14.30 -8.39
N PRO A 507 -17.45 -13.87 -7.71
CA PRO A 507 -18.26 -14.81 -6.93
C PRO A 507 -18.95 -15.92 -7.74
N LYS A 508 -19.30 -15.62 -8.98
CA LYS A 508 -20.03 -16.51 -9.84
C LYS A 508 -19.40 -16.49 -11.23
N SER A 509 -18.12 -16.15 -11.34
CA SER A 509 -17.47 -16.11 -12.65
C SER A 509 -16.04 -16.65 -12.68
N TYR A 510 -15.64 -17.02 -13.91
CA TYR A 510 -14.38 -17.62 -14.26
C TYR A 510 -13.72 -16.89 -15.42
N GLN A 511 -12.42 -16.72 -15.28
CA GLN A 511 -11.54 -16.36 -16.34
C GLN A 511 -11.23 -17.65 -17.10
N ILE A 512 -11.37 -17.64 -18.42
CA ILE A 512 -11.09 -18.83 -19.25
C ILE A 512 -9.75 -18.72 -19.92
N TRP A 513 -8.99 -19.81 -19.83
CA TRP A 513 -7.63 -19.96 -20.32
C TRP A 513 -7.60 -21.10 -21.34
N LEU A 514 -6.90 -20.87 -22.46
CA LEU A 514 -6.78 -21.86 -23.51
C LEU A 514 -5.33 -21.96 -23.92
N GLY A 515 -4.95 -23.11 -24.50
CA GLY A 515 -3.58 -23.24 -25.05
C GLY A 515 -2.66 -24.24 -24.38
N GLY A 516 -3.08 -24.81 -23.24
CA GLY A 516 -2.43 -26.02 -22.72
C GLY A 516 -2.68 -27.18 -23.65
N THR A 517 -1.88 -28.24 -23.50
CA THR A 517 -1.95 -29.39 -24.43
C THR A 517 -2.06 -30.66 -23.61
N PRO A 518 -2.48 -31.78 -24.24
CA PRO A 518 -2.73 -33.03 -23.49
C PRO A 518 -1.57 -33.56 -22.68
N ASN A 519 -0.35 -33.28 -23.05
CA ASN A 519 0.85 -33.74 -22.31
C ASN A 519 1.51 -32.64 -21.40
N GLN A 520 0.76 -31.57 -21.09
CA GLN A 520 1.20 -30.44 -20.27
C GLN A 520 2.59 -29.86 -20.67
N SER A 521 2.82 -29.71 -21.98
CA SER A 521 4.07 -29.17 -22.48
C SER A 521 3.94 -27.70 -22.84
N THR A 522 2.75 -27.10 -22.74
CA THR A 522 2.61 -25.68 -23.09
C THR A 522 1.87 -24.92 -22.00
N LEU A 523 2.15 -23.64 -21.95
CA LEU A 523 1.52 -22.69 -21.08
C LEU A 523 0.25 -22.13 -21.75
N ALA A 524 -0.89 -22.16 -21.09
CA ALA A 524 -2.12 -21.52 -21.62
C ALA A 524 -2.06 -19.99 -21.51
N GLU A 525 -2.98 -19.32 -22.18
CA GLU A 525 -3.10 -17.89 -22.01
C GLU A 525 -4.53 -17.51 -21.68
N SER A 526 -4.65 -16.32 -21.15
CA SER A 526 -5.91 -15.77 -20.73
C SER A 526 -6.75 -15.44 -21.96
N PHE A 527 -7.92 -16.05 -22.09
CA PHE A 527 -8.75 -15.86 -23.32
C PHE A 527 -9.88 -14.84 -23.11
N MET A 528 -10.65 -15.00 -22.04
CA MET A 528 -11.75 -14.05 -21.68
C MET A 528 -11.85 -13.97 -20.14
N ASP A 529 -12.10 -12.77 -19.67
CA ASP A 529 -12.33 -12.47 -18.27
C ASP A 529 -13.80 -12.51 -17.91
N LYS A 530 -14.07 -12.87 -16.65
CA LYS A 530 -15.38 -12.74 -16.03
C LYS A 530 -16.49 -13.37 -16.80
N VAL A 531 -16.29 -14.61 -17.20
CA VAL A 531 -17.36 -15.35 -17.86
C VAL A 531 -18.22 -15.89 -16.71
N LYS A 532 -19.48 -15.51 -16.73
CA LYS A 532 -20.40 -15.90 -15.69
C LYS A 532 -20.72 -17.36 -15.89
N LEU A 533 -20.89 -18.04 -14.79
CA LEU A 533 -21.24 -19.46 -14.80
C LEU A 533 -22.35 -19.80 -15.76
N ASP A 534 -23.43 -19.03 -15.76
CA ASP A 534 -24.58 -19.30 -16.64
C ASP A 534 -24.26 -19.17 -18.12
N ASP A 535 -23.21 -18.43 -18.47
CA ASP A 535 -22.90 -18.10 -19.87
C ASP A 535 -21.88 -19.01 -20.53
N ILE A 536 -21.37 -20.02 -19.84
CA ILE A 536 -20.20 -20.72 -20.40
C ILE A 536 -20.48 -21.36 -21.74
N GLU A 537 -21.72 -21.84 -21.97
CA GLU A 537 -22.10 -22.41 -23.32
C GLU A 537 -21.97 -21.43 -24.46
N LYS A 538 -22.15 -20.16 -24.17
CA LYS A 538 -22.05 -19.10 -25.18
C LYS A 538 -20.61 -18.99 -25.69
N VAL A 539 -19.66 -19.34 -24.82
CA VAL A 539 -18.27 -19.34 -25.20
C VAL A 539 -17.84 -20.72 -25.74
N LEU A 540 -18.23 -21.76 -25.02
CA LEU A 540 -17.73 -23.10 -25.36
C LEU A 540 -18.34 -23.61 -26.67
N GLU A 541 -19.62 -23.36 -26.90
CA GLU A 541 -20.24 -23.89 -28.15
C GLU A 541 -19.55 -23.43 -29.47
N PRO A 542 -19.29 -22.11 -29.60
CA PRO A 542 -18.59 -21.69 -30.82
C PRO A 542 -17.17 -22.25 -30.93
N LEU A 543 -16.45 -22.27 -29.81
CA LEU A 543 -15.08 -22.81 -29.81
C LEU A 543 -15.10 -24.25 -30.27
N PHE A 544 -15.98 -25.06 -29.71
CA PHE A 544 -15.98 -26.47 -30.01
C PHE A 544 -16.56 -26.80 -31.36
N THR A 545 -17.46 -25.96 -31.86
CA THR A 545 -17.98 -26.10 -33.20
C THR A 545 -16.87 -25.88 -34.19
N TYR A 546 -16.09 -24.83 -33.98
CA TYR A 546 -14.99 -24.49 -34.88
C TYR A 546 -13.90 -25.56 -34.83
N TRP A 547 -13.62 -26.07 -33.64
CA TRP A 547 -12.65 -27.18 -33.51
C TRP A 547 -13.17 -28.39 -34.27
N ASN A 548 -14.40 -28.77 -33.99
CA ASN A 548 -14.97 -29.90 -34.67
C ASN A 548 -14.96 -29.65 -36.18
N GLY A 549 -15.33 -28.44 -36.63
CA GLY A 549 -15.45 -28.14 -38.11
C GLY A 549 -14.10 -28.05 -38.84
N THR A 550 -13.05 -27.55 -38.19
CA THR A 550 -11.79 -27.31 -38.90
C THR A 550 -10.51 -27.97 -38.30
N ARG A 551 -10.63 -28.76 -37.24
CA ARG A 551 -9.43 -29.46 -36.71
C ARG A 551 -8.87 -30.40 -37.78
N GLN A 552 -7.58 -30.60 -37.75
CA GLN A 552 -6.95 -31.59 -38.55
C GLN A 552 -7.22 -32.94 -37.88
N GLU A 553 -7.02 -34.03 -38.61
CA GLU A 553 -7.24 -35.42 -38.12
C GLU A 553 -6.50 -35.73 -36.84
N GLY A 554 -7.23 -35.98 -35.76
CA GLY A 554 -6.68 -36.23 -34.43
C GLY A 554 -6.04 -35.01 -33.70
N GLU A 555 -6.14 -33.82 -34.24
CA GLU A 555 -5.64 -32.62 -33.56
C GLU A 555 -6.40 -32.31 -32.28
N SER A 556 -5.66 -32.26 -31.16
CA SER A 556 -6.22 -31.96 -29.82
C SER A 556 -6.75 -30.51 -29.85
N PHE A 557 -7.69 -30.23 -28.94
CA PHE A 557 -8.19 -28.87 -28.75
C PHE A 557 -7.07 -27.85 -28.45
N GLY A 558 -6.14 -28.25 -27.59
CA GLY A 558 -4.99 -27.37 -27.25
C GLY A 558 -4.07 -27.05 -28.41
N SER A 559 -3.71 -28.06 -29.21
CA SER A 559 -2.86 -27.81 -30.33
C SER A 559 -3.63 -26.93 -31.31
N PHE A 560 -4.91 -27.24 -31.51
CA PHE A 560 -5.76 -26.46 -32.42
C PHE A 560 -5.82 -24.96 -32.01
N THR A 561 -6.05 -24.73 -30.71
CA THR A 561 -6.00 -23.41 -30.13
C THR A 561 -4.71 -22.68 -30.46
N ASN A 562 -3.59 -23.28 -30.12
CA ASN A 562 -2.29 -22.69 -30.40
C ASN A 562 -2.03 -22.45 -31.90
N ARG A 563 -2.46 -23.35 -32.78
CA ARG A 563 -2.29 -23.12 -34.21
C ARG A 563 -3.19 -21.98 -34.74
N THR A 564 -4.45 -21.98 -34.33
CA THR A 564 -5.42 -21.02 -34.84
C THR A 564 -5.17 -19.59 -34.29
N GLY A 565 -4.83 -19.50 -33.01
CA GLY A 565 -4.53 -18.19 -32.36
C GLY A 565 -5.80 -17.49 -31.85
N PHE A 566 -5.59 -16.59 -30.92
CA PHE A 566 -6.68 -16.00 -30.14
C PHE A 566 -7.56 -15.03 -30.94
N ASP A 567 -6.98 -14.32 -31.90
CA ASP A 567 -7.76 -13.41 -32.75
C ASP A 567 -8.91 -14.13 -33.48
N LYS A 568 -8.58 -15.25 -34.09
CA LYS A 568 -9.56 -15.99 -34.83
C LYS A 568 -10.58 -16.69 -33.91
N LEU A 569 -10.13 -17.18 -32.75
CA LEU A 569 -11.04 -17.79 -31.78
C LEU A 569 -12.01 -16.77 -31.20
N LYS A 570 -11.54 -15.58 -30.87
CA LYS A 570 -12.43 -14.51 -30.36
C LYS A 570 -13.48 -14.10 -31.40
N GLU A 571 -13.07 -14.02 -32.67
CA GLU A 571 -13.97 -13.72 -33.76
C GLU A 571 -15.04 -14.78 -33.87
N VAL A 572 -14.66 -16.02 -33.67
CA VAL A 572 -15.63 -17.09 -33.78
C VAL A 572 -16.63 -16.97 -32.63
N VAL A 573 -16.13 -16.67 -31.44
CA VAL A 573 -16.97 -16.51 -30.25
C VAL A 573 -17.87 -15.27 -30.41
N ASN A 574 -17.30 -14.17 -30.91
CA ASN A 574 -18.07 -12.94 -31.09
C ASN A 574 -19.13 -13.05 -32.18
N LYS A 575 -18.92 -13.80 -33.24
CA LYS A 575 -19.94 -13.90 -34.26
C LYS A 575 -21.04 -14.92 -33.89
N TRP A 576 -20.81 -15.75 -32.88
CA TRP A 576 -21.79 -16.76 -32.51
C TRP A 576 -23.16 -16.13 -32.17
N LYS B 11 14.57 5.66 -4.52
CA LYS B 11 13.11 5.83 -4.76
C LYS B 11 12.70 7.32 -4.79
N ARG B 12 11.90 7.69 -5.79
CA ARG B 12 11.45 9.07 -5.90
C ARG B 12 9.97 9.21 -6.26
N SER B 13 9.31 10.17 -5.61
CA SER B 13 7.89 10.35 -5.76
C SER B 13 7.52 10.72 -7.19
N LYS B 14 6.23 10.52 -7.44
CA LYS B 14 5.68 10.79 -8.74
C LYS B 14 5.88 12.27 -9.09
N VAL B 15 5.78 13.13 -8.08
CA VAL B 15 5.86 14.55 -8.31
C VAL B 15 7.25 14.90 -8.75
N GLU B 16 8.26 14.17 -8.26
CA GLU B 16 9.67 14.43 -8.66
C GLU B 16 9.91 14.23 -10.14
N ILE B 17 9.34 13.15 -10.67
CA ILE B 17 9.45 12.80 -12.08
C ILE B 17 8.69 13.83 -12.96
N ILE B 18 7.50 14.25 -12.50
CA ILE B 18 6.74 15.31 -13.14
C ILE B 18 7.52 16.64 -13.26
N LYS B 19 8.22 17.02 -12.19
CA LYS B 19 9.00 18.27 -12.18
C LYS B 19 10.18 18.12 -13.13
N GLU B 20 10.87 16.95 -13.02
CA GLU B 20 12.03 16.67 -13.87
C GLU B 20 11.76 16.80 -15.37
N LYS B 21 10.62 16.32 -15.80
CA LYS B 21 10.25 16.31 -17.21
C LYS B 21 9.34 17.44 -17.69
N SER B 22 9.29 18.53 -16.90
CA SER B 22 8.46 19.67 -17.22
C SER B 22 9.13 20.83 -17.95
N ASN B 23 10.45 20.75 -18.21
CA ASN B 23 11.19 21.90 -18.68
C ASN B 23 10.92 23.15 -17.80
N PHE B 24 11.18 23.00 -16.50
CA PHE B 24 10.98 24.06 -15.50
C PHE B 24 9.57 24.59 -15.53
N LEU B 25 8.62 23.68 -15.31
CA LEU B 25 7.26 23.98 -15.02
C LEU B 25 6.40 24.32 -16.23
N ARG B 26 6.82 23.87 -17.40
CA ARG B 26 6.14 24.23 -18.63
C ARG B 26 5.29 23.12 -19.22
N TYR B 27 5.83 21.91 -19.30
CA TYR B 27 5.26 20.83 -20.12
C TYR B 27 4.82 19.67 -19.21
N PRO B 28 3.65 19.06 -19.45
CA PRO B 28 2.71 19.32 -20.53
C PRO B 28 1.62 20.32 -20.19
N LEU B 29 1.81 21.08 -19.09
CA LEU B 29 0.86 22.16 -18.74
C LEU B 29 0.53 23.03 -19.92
N ASN B 30 1.56 23.47 -20.63
CA ASN B 30 1.41 24.30 -21.82
C ASN B 30 0.39 23.74 -22.84
N GLU B 31 0.48 22.45 -23.16
CA GLU B 31 -0.50 21.81 -24.09
C GLU B 31 -1.85 21.61 -23.44
N GLU B 32 -1.86 21.25 -22.17
CA GLU B 32 -3.14 20.92 -21.52
C GLU B 32 -4.03 22.15 -21.34
N LEU B 33 -3.40 23.33 -21.15
CA LEU B 33 -4.17 24.58 -20.99
C LEU B 33 -4.99 24.88 -22.20
N VAL B 34 -4.61 24.42 -23.37
CA VAL B 34 -5.43 24.78 -24.57
C VAL B 34 -6.30 23.63 -25.07
N SER B 35 -6.24 22.45 -24.45
CA SER B 35 -7.12 21.38 -24.89
C SER B 35 -8.58 21.77 -24.61
N GLU B 36 -9.48 21.07 -25.31
CA GLU B 36 -10.93 21.35 -25.29
C GLU B 36 -11.58 20.83 -24.04
N ALA B 37 -11.00 19.81 -23.46
CA ALA B 37 -11.47 19.23 -22.21
C ALA B 37 -11.59 20.30 -21.08
N PRO B 38 -12.52 20.08 -20.13
CA PRO B 38 -12.75 21.04 -19.04
C PRO B 38 -11.66 20.96 -17.97
N ASN B 39 -10.88 19.88 -18.00
CA ASN B 39 -9.84 19.62 -17.03
C ASN B 39 -8.49 19.43 -17.71
N ILE B 40 -7.49 19.10 -16.92
CA ILE B 40 -6.15 18.88 -17.41
C ILE B 40 -5.65 17.60 -16.77
N ASN B 41 -4.71 16.97 -17.43
CA ASN B 41 -4.17 15.68 -17.00
C ASN B 41 -3.38 15.78 -15.70
N GLU B 42 -3.10 14.64 -15.10
CA GLU B 42 -2.47 14.56 -13.78
C GLU B 42 -1.10 15.29 -13.69
N SER B 43 -0.27 15.13 -14.69
CA SER B 43 0.98 15.89 -14.75
C SER B 43 0.70 17.39 -14.68
N ALA B 44 -0.21 17.86 -15.51
CA ALA B 44 -0.53 19.30 -15.54
C ALA B 44 -1.15 19.84 -14.21
N VAL B 45 -1.95 18.98 -13.57
CA VAL B 45 -2.58 19.21 -12.28
C VAL B 45 -1.47 19.54 -11.28
N GLN B 46 -0.40 18.76 -11.27
CA GLN B 46 0.69 19.00 -10.35
C GLN B 46 1.49 20.26 -10.70
N LEU B 47 1.70 20.51 -11.99
CA LEU B 47 2.51 21.65 -12.44
C LEU B 47 1.88 23.00 -12.21
N ILE B 48 0.58 23.09 -12.51
CA ILE B 48 -0.16 24.34 -12.41
C ILE B 48 -0.13 24.94 -10.99
N LYS B 49 -0.02 24.06 -9.99
CA LYS B 49 0.16 24.51 -8.60
C LYS B 49 1.30 25.53 -8.46
N PHE B 50 2.39 25.28 -9.13
CA PHE B 50 3.55 26.12 -9.10
C PHE B 50 3.21 27.51 -9.66
N HIS B 51 2.22 27.57 -10.56
CA HIS B 51 1.76 28.80 -11.15
C HIS B 51 0.61 29.48 -10.34
N GLY B 52 0.30 28.90 -9.18
CA GLY B 52 -0.67 29.46 -8.26
C GLY B 52 -2.12 29.13 -8.54
N SER B 53 -2.37 28.03 -9.24
CA SER B 53 -3.75 27.61 -9.51
C SER B 53 -3.92 26.12 -9.20
N TYR B 54 -5.10 25.80 -8.66
CA TYR B 54 -5.44 24.45 -8.31
C TYR B 54 -6.69 24.05 -9.05
N GLN B 55 -6.62 22.93 -9.77
CA GLN B 55 -7.86 22.30 -10.34
C GLN B 55 -8.67 21.68 -9.19
N GLN B 56 -9.94 21.95 -9.15
CA GLN B 56 -10.77 21.44 -8.09
C GLN B 56 -12.02 20.86 -8.76
N THR B 57 -12.80 20.13 -7.98
CA THR B 57 -14.14 19.73 -8.34
C THR B 57 -15.11 20.01 -7.16
N ASP B 58 -16.35 20.33 -7.50
CA ASP B 58 -17.31 20.70 -6.55
C ASP B 58 -17.94 19.42 -5.98
N ARG B 59 -17.64 19.14 -4.73
CA ARG B 59 -17.96 17.88 -4.10
C ARG B 59 -19.38 17.85 -3.54
N ASP B 60 -20.07 18.98 -3.61
CA ASP B 60 -21.52 18.99 -3.36
C ASP B 60 -22.27 18.27 -4.49
N VAL B 61 -21.80 18.40 -5.72
CA VAL B 61 -22.54 17.88 -6.87
C VAL B 61 -22.17 16.45 -7.19
N ARG B 62 -23.11 15.54 -6.97
CA ARG B 62 -22.87 14.13 -7.31
C ARG B 62 -23.04 14.01 -8.84
N GLY B 63 -23.17 12.80 -9.36
CA GLY B 63 -23.11 12.61 -10.80
C GLY B 63 -21.78 13.08 -11.35
N GLN B 64 -21.85 13.71 -12.53
CA GLN B 64 -20.75 13.87 -13.51
C GLN B 64 -19.32 14.26 -13.02
N LYS B 65 -19.14 15.30 -12.20
CA LYS B 65 -17.75 15.85 -11.94
C LYS B 65 -17.55 17.22 -12.57
N ASN B 66 -17.66 18.25 -11.76
CA ASN B 66 -17.66 19.61 -12.24
C ASN B 66 -16.34 20.28 -11.91
N TYR B 67 -15.53 20.48 -12.93
CA TYR B 67 -14.19 21.05 -12.78
C TYR B 67 -14.20 22.54 -12.71
N SER B 68 -13.33 23.08 -11.88
CA SER B 68 -13.05 24.51 -11.84
C SER B 68 -11.66 24.75 -11.23
N PHE B 69 -11.21 26.01 -11.29
CA PHE B 69 -9.85 26.37 -10.89
C PHE B 69 -9.87 27.44 -9.84
N MET B 70 -9.16 27.17 -8.76
CA MET B 70 -8.93 28.17 -7.72
C MET B 70 -7.63 28.84 -8.06
N LEU B 71 -7.55 30.13 -7.81
CA LEU B 71 -6.25 30.79 -7.89
C LEU B 71 -5.91 31.45 -6.57
N ARG B 72 -4.62 31.50 -6.29
CA ARG B 72 -4.11 32.05 -5.04
C ARG B 72 -3.00 33.05 -5.37
N THR B 73 -3.04 34.21 -4.73
CA THR B 73 -2.09 35.26 -5.02
C THR B 73 -0.84 35.15 -4.12
N LYS B 74 0.16 35.90 -4.53
CA LYS B 74 1.39 36.10 -3.76
C LYS B 74 1.41 37.52 -3.31
N ASN B 75 1.42 37.74 -2.01
CA ASN B 75 1.39 39.13 -1.50
C ASN B 75 2.25 39.21 -0.21
N PRO B 76 3.60 39.39 -0.34
CA PRO B 76 4.39 39.41 0.88
C PRO B 76 3.84 40.43 1.87
N CYS B 77 3.84 40.05 3.14
CA CYS B 77 3.30 40.93 4.23
C CYS B 77 1.83 41.18 4.18
N GLY B 78 1.12 40.56 3.25
CA GLY B 78 -0.29 40.86 3.07
C GLY B 78 -0.64 42.14 2.34
N LYS B 79 0.37 42.86 1.83
CA LYS B 79 0.16 44.14 1.21
C LYS B 79 -0.51 44.00 -0.17
N VAL B 80 -1.62 44.71 -0.39
CA VAL B 80 -2.35 44.65 -1.65
C VAL B 80 -2.52 46.09 -2.16
N PRO B 81 -1.87 46.44 -3.29
CA PRO B 81 -2.10 47.79 -3.85
C PRO B 81 -3.55 47.95 -4.33
N ASN B 82 -4.05 49.20 -4.27
CA ASN B 82 -5.40 49.51 -4.69
C ASN B 82 -5.74 48.87 -6.02
N GLN B 83 -4.86 48.99 -7.00
CA GLN B 83 -5.18 48.52 -8.35
C GLN B 83 -5.42 46.99 -8.34
N LEU B 84 -4.69 46.26 -7.47
CA LEU B 84 -4.86 44.83 -7.45
C LEU B 84 -6.16 44.50 -6.78
N TYR B 85 -6.51 45.17 -5.68
CA TYR B 85 -7.76 44.85 -5.02
C TYR B 85 -8.95 45.01 -6.01
N LEU B 86 -8.95 46.09 -6.75
CA LEU B 86 -10.06 46.39 -7.67
C LEU B 86 -10.12 45.33 -8.80
N ALA B 87 -8.97 44.96 -9.32
CA ALA B 87 -8.93 43.87 -10.33
C ALA B 87 -9.43 42.55 -9.77
N MET B 88 -9.02 42.21 -8.54
CA MET B 88 -9.46 40.93 -7.97
C MET B 88 -10.95 40.98 -7.65
N ASP B 89 -11.43 42.09 -7.10
CA ASP B 89 -12.85 42.24 -6.82
C ASP B 89 -13.75 41.99 -8.09
N THR B 90 -13.35 42.57 -9.21
CA THR B 90 -14.06 42.41 -10.50
C THR B 90 -13.90 41.00 -11.07
N LEU B 91 -12.69 40.46 -11.00
CA LEU B 91 -12.50 39.11 -11.48
C LEU B 91 -13.38 38.09 -10.74
N ALA B 92 -13.55 38.26 -9.44
CA ALA B 92 -14.31 37.28 -8.66
C ALA B 92 -15.76 37.19 -9.19
N ASP B 93 -16.32 38.35 -9.52
CA ASP B 93 -17.68 38.49 -10.05
C ASP B 93 -17.86 38.08 -11.52
N GLU B 94 -16.94 38.49 -12.36
CA GLU B 94 -16.95 38.22 -13.80
C GLU B 94 -16.64 36.74 -14.11
N PHE B 95 -15.64 36.14 -13.44
CA PHE B 95 -15.10 34.80 -13.77
C PHE B 95 -15.08 33.77 -12.63
N GLY B 96 -15.40 34.18 -11.41
CA GLY B 96 -15.35 33.27 -10.29
C GLY B 96 -16.75 32.98 -9.83
N ILE B 97 -16.88 32.77 -8.51
CA ILE B 97 -18.20 32.54 -7.92
C ILE B 97 -18.64 33.68 -7.02
N GLY B 98 -18.16 34.90 -7.27
CA GLY B 98 -18.68 36.07 -6.58
C GLY B 98 -17.98 36.28 -5.25
N THR B 99 -16.90 35.55 -4.94
CA THR B 99 -16.29 35.74 -3.61
C THR B 99 -14.79 35.84 -3.73
N LEU B 100 -14.21 36.60 -2.79
CA LEU B 100 -12.79 36.49 -2.50
C LEU B 100 -12.63 35.80 -1.16
N ARG B 101 -11.57 35.01 -1.01
CA ARG B 101 -11.25 34.31 0.24
C ARG B 101 -9.91 34.75 0.78
N LEU B 102 -9.91 35.48 1.91
CA LEU B 102 -8.69 35.88 2.54
C LEU B 102 -8.12 34.69 3.32
N THR B 103 -6.79 34.53 3.34
CA THR B 103 -6.22 33.34 3.86
C THR B 103 -5.38 33.55 5.14
N THR B 104 -5.07 32.43 5.80
CA THR B 104 -4.18 32.37 6.97
C THR B 104 -2.70 32.66 6.65
N ARG B 105 -2.36 32.84 5.37
CA ARG B 105 -1.06 33.34 5.01
C ARG B 105 -1.11 34.69 4.29
N GLN B 106 -2.16 35.48 4.51
CA GLN B 106 -2.22 36.86 4.02
C GLN B 106 -2.27 36.96 2.50
N THR B 107 -3.01 36.05 1.87
CA THR B 107 -3.23 36.08 0.44
C THR B 107 -4.73 36.05 0.15
N PHE B 108 -5.06 36.20 -1.14
CA PHE B 108 -6.39 35.96 -1.67
C PHE B 108 -6.46 34.60 -2.34
N GLN B 109 -7.59 33.93 -2.17
CA GLN B 109 -7.94 32.93 -3.12
C GLN B 109 -9.21 33.38 -3.80
N LEU B 110 -9.31 32.95 -5.04
CA LEU B 110 -10.48 33.21 -5.87
C LEU B 110 -10.87 31.82 -6.43
N HIS B 111 -12.04 31.33 -6.04
CA HIS B 111 -12.53 29.97 -6.42
C HIS B 111 -13.45 30.00 -7.63
N GLY B 112 -13.57 28.88 -8.31
CA GLY B 112 -14.63 28.70 -9.31
C GLY B 112 -14.32 29.11 -10.73
N VAL B 113 -13.07 29.26 -11.12
CA VAL B 113 -12.85 29.74 -12.47
C VAL B 113 -12.82 28.56 -13.46
N LEU B 114 -13.49 28.70 -14.59
CA LEU B 114 -13.48 27.65 -15.63
C LEU B 114 -12.17 27.71 -16.39
N LYS B 115 -11.71 26.54 -16.80
CA LYS B 115 -10.48 26.38 -17.54
C LYS B 115 -10.32 27.42 -18.64
N LYS B 116 -11.34 27.57 -19.47
CA LYS B 116 -11.28 28.50 -20.65
C LYS B 116 -11.10 29.97 -20.30
N ASN B 117 -11.40 30.35 -19.08
CA ASN B 117 -11.18 31.73 -18.65
C ASN B 117 -9.88 31.90 -17.83
N LEU B 118 -9.12 30.82 -17.63
CA LEU B 118 -8.02 30.88 -16.65
C LEU B 118 -6.90 31.84 -17.06
N LYS B 119 -6.52 31.79 -18.32
CA LYS B 119 -5.51 32.66 -18.84
C LYS B 119 -5.98 34.12 -18.81
N THR B 120 -7.25 34.37 -19.14
CA THR B 120 -7.78 35.73 -19.05
C THR B 120 -7.59 36.23 -17.60
N VAL B 121 -7.85 35.36 -16.64
CA VAL B 121 -7.86 35.79 -15.26
C VAL B 121 -6.46 36.09 -14.74
N LEU B 122 -5.54 35.14 -14.90
CA LEU B 122 -4.15 35.29 -14.45
C LEU B 122 -3.45 36.43 -15.13
N SER B 123 -3.60 36.59 -16.45
CA SER B 123 -2.97 37.74 -17.09
C SER B 123 -3.54 39.07 -16.56
N THR B 124 -4.82 39.14 -16.27
CA THR B 124 -5.39 40.28 -15.58
C THR B 124 -4.74 40.54 -14.23
N VAL B 125 -4.57 39.51 -13.42
CA VAL B 125 -3.82 39.64 -12.19
C VAL B 125 -2.46 40.24 -12.45
N ILE B 126 -1.74 39.63 -13.38
CA ILE B 126 -0.37 40.04 -13.72
C ILE B 126 -0.28 41.47 -14.21
N LYS B 127 -1.24 41.93 -15.04
CA LYS B 127 -1.20 43.29 -15.57
C LYS B 127 -1.81 44.32 -14.59
N ASN B 128 -2.19 43.87 -13.40
CA ASN B 128 -2.72 44.78 -12.36
C ASN B 128 -1.97 44.72 -11.05
N MET B 129 -0.66 44.61 -11.17
CA MET B 129 0.26 44.68 -10.03
C MET B 129 0.18 43.46 -9.11
N GLY B 130 -0.15 42.29 -9.67
CA GLY B 130 -0.25 41.08 -8.86
C GLY B 130 0.50 39.92 -9.43
N SER B 131 0.51 38.82 -8.68
CA SER B 131 1.11 37.58 -9.13
C SER B 131 0.50 36.44 -8.36
N THR B 132 0.47 35.27 -9.01
CA THR B 132 0.12 34.00 -8.39
C THR B 132 1.28 32.99 -8.45
N LEU B 133 2.41 33.41 -8.99
CA LEU B 133 3.57 32.58 -9.12
C LEU B 133 4.10 32.11 -7.74
N GLY B 134 4.23 30.81 -7.58
CA GLY B 134 4.69 30.24 -6.33
C GLY B 134 3.68 30.25 -5.18
N ALA B 135 2.40 30.55 -5.45
CA ALA B 135 1.40 30.54 -4.37
C ALA B 135 1.13 29.13 -3.93
N CYS B 136 1.25 28.17 -4.83
CA CYS B 136 1.32 26.77 -4.44
C CYS B 136 2.64 26.21 -4.98
N GLY B 137 2.80 24.86 -4.96
CA GLY B 137 3.96 24.16 -5.50
C GLY B 137 5.03 23.82 -4.45
N ASP B 138 6.08 23.13 -4.92
CA ASP B 138 7.18 22.69 -4.07
C ASP B 138 8.24 23.80 -3.99
N LEU B 139 7.85 24.90 -3.35
CA LEU B 139 8.48 26.21 -3.46
C LEU B 139 8.19 27.03 -2.14
N ASN B 140 8.82 28.19 -2.04
CA ASN B 140 8.53 29.15 -0.99
C ASN B 140 7.14 29.79 -1.18
N ARG B 141 6.33 29.64 -0.13
CA ARG B 141 4.95 30.12 -0.13
C ARG B 141 4.94 31.60 0.29
N ASN B 142 3.76 32.18 0.49
CA ASN B 142 3.69 33.57 0.89
C ASN B 142 4.45 33.81 2.22
N VAL B 143 5.29 34.84 2.19
CA VAL B 143 6.05 35.25 3.34
C VAL B 143 5.28 36.21 4.26
N LEU B 144 5.12 35.82 5.53
CA LEU B 144 4.27 36.58 6.43
C LEU B 144 5.06 37.71 7.03
N ALA B 145 4.34 38.83 7.34
CA ALA B 145 4.88 39.92 8.11
C ALA B 145 3.77 40.63 8.86
N PRO B 146 4.12 41.48 9.82
CA PRO B 146 3.07 42.20 10.55
C PRO B 146 2.21 42.94 9.55
N ALA B 147 0.89 42.77 9.65
CA ALA B 147 -0.04 43.29 8.64
C ALA B 147 -0.38 44.76 8.80
N ALA B 148 -0.19 45.30 9.99
CA ALA B 148 -0.53 46.70 10.29
C ALA B 148 0.44 47.64 9.61
N PRO B 149 -0.10 48.67 8.93
CA PRO B 149 0.74 49.63 8.21
C PRO B 149 1.37 50.66 9.12
N TYR B 150 1.97 50.23 10.21
CA TYR B 150 2.73 51.15 11.06
C TYR B 150 3.94 51.70 10.32
N VAL B 151 4.23 52.97 10.51
CA VAL B 151 5.49 53.51 9.96
C VAL B 151 6.72 53.28 10.83
N LYS B 152 6.53 52.84 12.07
CA LYS B 152 7.64 52.54 13.01
C LYS B 152 8.74 51.72 12.30
N LYS B 153 9.99 52.15 12.49
CA LYS B 153 11.11 51.64 11.70
C LYS B 153 11.23 50.10 11.73
N ASP B 154 11.10 49.50 12.91
CA ASP B 154 11.35 48.07 12.98
C ASP B 154 10.19 47.25 12.34
N ILE B 155 9.00 47.82 12.26
CA ILE B 155 7.89 47.16 11.56
C ILE B 155 8.08 47.26 10.06
N LEU B 156 8.42 48.46 9.57
CA LEU B 156 8.75 48.65 8.14
C LEU B 156 9.95 47.75 7.73
N PHE B 157 10.90 47.57 8.65
CA PHE B 157 12.04 46.68 8.40
C PHE B 157 11.61 45.20 8.33
N ALA B 158 10.73 44.79 9.24
CA ALA B 158 10.23 43.41 9.17
C ALA B 158 9.58 43.16 7.82
N GLN B 159 8.79 44.14 7.39
CA GLN B 159 8.05 44.06 6.14
C GLN B 159 8.98 44.03 4.92
N GLN B 160 9.95 44.96 4.85
CA GLN B 160 10.96 44.96 3.80
C GLN B 160 11.70 43.58 3.73
N THR B 161 12.06 43.02 4.86
CA THR B 161 12.74 41.74 4.90
C THR B 161 11.89 40.61 4.33
N ALA B 162 10.58 40.58 4.66
CA ALA B 162 9.69 39.54 4.11
C ALA B 162 9.61 39.70 2.59
N GLU B 163 9.51 40.93 2.11
CA GLU B 163 9.50 41.17 0.68
C GLU B 163 10.78 40.66 0.05
N ASN B 164 11.93 40.99 0.64
CA ASN B 164 13.20 40.54 0.15
C ASN B 164 13.33 39.01 0.10
N ILE B 165 12.93 38.33 1.15
CA ILE B 165 12.93 36.86 1.17
C ILE B 165 12.01 36.32 0.05
N ALA B 166 10.79 36.88 -0.08
CA ALA B 166 9.88 36.39 -1.15
C ALA B 166 10.56 36.56 -2.50
N ALA B 167 11.18 37.71 -2.71
CA ALA B 167 11.87 37.95 -3.99
C ALA B 167 13.08 36.97 -4.22
N LEU B 168 13.89 36.77 -3.19
CA LEU B 168 14.98 35.83 -3.28
C LEU B 168 14.55 34.46 -3.78
N LEU B 169 13.43 33.95 -3.22
CA LEU B 169 12.94 32.61 -3.45
C LEU B 169 11.81 32.49 -4.54
N THR B 170 11.76 33.51 -5.37
CA THR B 170 10.88 33.58 -6.53
C THR B 170 11.52 32.74 -7.64
N PRO B 171 10.74 31.85 -8.23
CA PRO B 171 11.26 31.05 -9.35
C PRO B 171 11.79 31.97 -10.48
N GLN B 172 12.93 31.62 -11.06
CA GLN B 172 13.58 32.44 -12.06
C GLN B 172 13.45 31.90 -13.49
N SER B 173 12.77 30.77 -13.70
CA SER B 173 12.82 30.03 -14.97
C SER B 173 12.10 30.76 -16.14
N GLY B 174 11.10 31.58 -15.83
CA GLY B 174 10.40 32.42 -16.86
C GLY B 174 9.16 31.70 -17.40
N ALA B 175 8.90 30.48 -16.88
CA ALA B 175 7.77 29.66 -17.34
C ALA B 175 6.49 30.41 -17.13
N TYR B 176 6.42 31.14 -15.99
CA TYR B 176 5.20 31.82 -15.57
C TYR B 176 4.70 32.82 -16.63
N TYR B 177 5.57 33.76 -17.01
CA TYR B 177 5.29 34.72 -18.09
C TYR B 177 5.18 34.07 -19.49
N ASP B 178 5.91 32.99 -19.75
CA ASP B 178 5.72 32.24 -21.02
C ASP B 178 4.30 31.78 -21.14
N LEU B 179 3.74 31.16 -20.09
CA LEU B 179 2.36 30.62 -20.20
C LEU B 179 1.24 31.68 -20.15
N TRP B 180 1.36 32.67 -19.26
CA TRP B 180 0.17 33.48 -18.93
C TRP B 180 0.08 34.78 -19.72
N VAL B 181 1.23 35.27 -20.15
CA VAL B 181 1.26 36.52 -20.90
C VAL B 181 2.19 36.38 -22.11
N ASP B 182 2.35 35.16 -22.62
CA ASP B 182 3.14 34.91 -23.86
C ASP B 182 4.52 35.60 -23.83
N GLY B 183 5.20 35.67 -22.67
CA GLY B 183 6.06 36.90 -22.29
C GLY B 183 5.39 38.26 -22.49
N GLU B 190 10.92 46.26 -9.13
CA GLU B 190 12.37 46.48 -9.15
C GLU B 190 13.15 46.09 -7.87
N GLU B 191 13.89 44.98 -7.87
CA GLU B 191 14.33 44.43 -6.60
C GLU B 191 15.54 45.17 -6.03
N PRO B 192 15.59 45.29 -4.72
CA PRO B 192 16.80 45.89 -4.15
C PRO B 192 18.05 45.09 -4.56
N PRO B 193 19.20 45.78 -4.76
CA PRO B 193 20.44 45.07 -5.12
C PRO B 193 20.96 44.07 -4.06
N GLU B 194 20.66 44.26 -2.78
CA GLU B 194 20.97 43.26 -1.74
C GLU B 194 20.35 41.87 -2.09
N VAL B 195 19.16 41.89 -2.71
CA VAL B 195 18.47 40.66 -3.09
C VAL B 195 19.21 39.99 -4.25
N THR B 196 19.44 40.75 -5.32
CA THR B 196 20.11 40.24 -6.50
C THR B 196 21.46 39.65 -6.10
N LYS B 197 22.25 40.39 -5.33
CA LYS B 197 23.58 39.89 -4.94
C LYS B 197 23.51 38.63 -4.08
N ALA B 198 22.56 38.59 -3.15
CA ALA B 198 22.39 37.36 -2.35
C ALA B 198 21.99 36.16 -3.17
N ARG B 199 21.04 36.35 -4.10
CA ARG B 199 20.61 35.25 -4.92
C ARG B 199 21.79 34.74 -5.75
N ASN B 200 22.53 35.67 -6.36
CA ASN B 200 23.66 35.30 -7.18
C ASN B 200 24.83 34.70 -6.42
N ASP B 201 24.99 34.96 -5.12
CA ASP B 201 26.17 34.50 -4.38
C ASP B 201 26.27 32.96 -4.37
N ASN B 202 27.42 32.46 -4.80
CA ASN B 202 27.74 31.05 -4.69
C ASN B 202 29.10 30.78 -4.00
N SER B 203 29.52 31.67 -3.11
CA SER B 203 30.70 31.42 -2.26
C SER B 203 30.73 30.09 -1.55
N HIS B 204 29.57 29.60 -1.10
CA HIS B 204 29.57 28.38 -0.32
C HIS B 204 28.79 27.24 -0.98
N GLY B 205 28.73 27.20 -2.30
CA GLY B 205 28.19 26.03 -3.03
C GLY B 205 26.71 25.81 -2.80
N THR B 206 26.00 26.90 -2.57
CA THR B 206 24.55 26.90 -2.46
C THR B 206 23.80 26.78 -3.80
N ASN B 207 24.40 27.20 -4.91
CA ASN B 207 23.64 27.46 -6.15
C ASN B 207 23.94 26.38 -7.22
N PHE B 208 23.11 26.36 -8.27
CA PHE B 208 23.36 25.69 -9.52
C PHE B 208 23.61 26.76 -10.60
N PRO B 209 24.86 27.24 -10.74
CA PRO B 209 25.12 28.43 -11.61
C PRO B 209 24.78 28.29 -13.09
N ASP B 210 24.71 27.05 -13.59
CA ASP B 210 24.34 26.85 -14.99
C ASP B 210 22.85 26.58 -15.19
N SER B 211 22.09 26.50 -14.11
CA SER B 211 20.67 26.15 -14.22
C SER B 211 19.74 27.36 -14.38
N PRO B 212 18.63 27.19 -15.10
CA PRO B 212 17.63 28.23 -15.12
C PRO B 212 17.06 28.59 -13.73
N GLU B 213 17.24 27.67 -12.76
CA GLU B 213 16.88 27.93 -11.36
C GLU B 213 18.13 27.78 -10.48
N PRO B 214 18.82 28.90 -10.26
CA PRO B 214 20.10 28.83 -9.54
C PRO B 214 19.94 28.41 -8.09
N ILE B 215 18.75 28.59 -7.52
CA ILE B 215 18.52 28.14 -6.14
C ILE B 215 17.73 26.82 -6.16
N TYR B 216 16.60 26.81 -6.87
CA TYR B 216 15.72 25.68 -6.85
C TYR B 216 16.24 24.47 -7.62
N GLY B 217 16.98 24.70 -8.69
CA GLY B 217 17.34 23.57 -9.58
C GLY B 217 16.14 23.00 -10.31
N THR B 218 16.39 21.90 -10.99
CA THR B 218 15.41 21.17 -11.76
C THR B 218 14.30 20.62 -10.91
N GLN B 219 14.68 20.17 -9.71
CA GLN B 219 13.78 19.45 -8.84
C GLN B 219 13.07 20.38 -7.82
N TYR B 220 13.39 21.66 -7.78
CA TYR B 220 12.74 22.60 -6.83
C TYR B 220 12.87 22.00 -5.43
N LEU B 221 11.98 22.32 -4.49
CA LEU B 221 12.14 21.78 -3.11
C LEU B 221 11.42 20.44 -2.97
N PRO B 222 11.66 19.70 -1.87
CA PRO B 222 10.92 18.47 -1.67
C PRO B 222 9.40 18.66 -1.35
N ARG B 223 9.02 19.90 -1.04
CA ARG B 223 7.69 20.25 -0.58
C ARG B 223 7.59 21.76 -0.39
N LYS B 224 6.37 22.27 -0.22
CA LYS B 224 6.17 23.66 0.20
C LYS B 224 7.12 24.04 1.34
N PHE B 225 7.44 25.32 1.38
CA PHE B 225 8.32 25.90 2.37
C PHE B 225 7.72 27.23 2.84
N LYS B 226 7.66 27.41 4.15
CA LYS B 226 6.92 28.53 4.78
C LYS B 226 7.80 29.39 5.71
N VAL B 227 7.80 30.72 5.45
CA VAL B 227 8.56 31.70 6.24
C VAL B 227 7.65 32.78 6.84
N ALA B 228 7.92 33.16 8.08
CA ALA B 228 7.23 34.29 8.70
C ALA B 228 8.23 35.23 9.33
N VAL B 229 8.07 36.54 9.12
CA VAL B 229 8.92 37.60 9.70
C VAL B 229 8.09 38.43 10.66
N THR B 230 8.65 38.82 11.81
CA THR B 230 7.93 39.72 12.71
C THR B 230 8.91 40.56 13.55
N ALA B 231 8.33 41.46 14.36
CA ALA B 231 9.08 42.22 15.36
C ALA B 231 8.76 41.65 16.76
N ALA B 232 9.67 41.90 17.69
CA ALA B 232 9.68 41.17 18.98
C ALA B 232 8.31 41.42 19.61
N GLY B 233 7.68 40.39 20.16
CA GLY B 233 6.39 40.57 20.83
C GLY B 233 5.16 40.31 19.96
N ASP B 234 5.25 40.51 18.64
CA ASP B 234 4.04 40.49 17.79
C ASP B 234 3.91 39.12 17.11
N ASN B 235 3.03 38.28 17.67
CA ASN B 235 2.81 36.97 17.11
C ASN B 235 1.53 36.82 16.31
N SER B 236 1.14 37.89 15.62
CA SER B 236 0.05 37.78 14.65
C SER B 236 0.34 36.69 13.59
N VAL B 237 1.62 36.47 13.30
CA VAL B 237 2.10 35.58 12.23
C VAL B 237 2.18 34.06 12.59
N ASP B 238 1.94 33.72 13.87
CA ASP B 238 1.90 32.36 14.36
C ASP B 238 3.23 31.72 13.95
N ILE B 239 4.28 32.39 14.40
CA ILE B 239 5.63 32.17 13.95
C ILE B 239 6.13 30.76 14.19
N LEU B 240 5.69 30.12 15.26
CA LEU B 240 6.25 28.83 15.64
C LEU B 240 5.83 27.70 14.71
N THR B 241 4.83 27.94 13.87
CA THR B 241 4.36 26.92 12.93
C THR B 241 5.11 26.81 11.61
N ASN B 242 5.98 27.79 11.34
CA ASN B 242 6.61 27.92 10.05
C ASN B 242 7.93 27.15 9.93
N ASP B 243 8.38 26.90 8.66
CA ASP B 243 9.70 26.35 8.41
C ASP B 243 10.80 27.23 8.97
N ILE B 244 10.64 28.54 8.75
CA ILE B 244 11.55 29.54 9.28
C ILE B 244 10.72 30.65 9.88
N GLY B 245 11.00 30.98 11.13
CA GLY B 245 10.58 32.24 11.70
C GLY B 245 11.73 33.20 11.91
N VAL B 246 11.47 34.47 11.61
CA VAL B 246 12.52 35.51 11.58
C VAL B 246 11.97 36.66 12.44
N VAL B 247 12.77 37.13 13.39
CA VAL B 247 12.35 38.13 14.35
C VAL B 247 13.37 39.24 14.39
N VAL B 248 12.92 40.45 14.06
CA VAL B 248 13.81 41.62 14.09
C VAL B 248 14.28 41.84 15.53
N VAL B 249 15.56 42.09 15.69
CA VAL B 249 16.14 42.55 16.95
C VAL B 249 16.69 43.97 16.69
N SER B 250 16.36 44.88 17.61
CA SER B 250 16.65 46.28 17.51
C SER B 250 17.46 46.75 18.74
N ASP B 251 18.31 47.75 18.54
CA ASP B 251 19.00 48.39 19.69
C ASP B 251 17.99 49.23 20.48
N ASP B 252 18.48 49.90 21.53
CA ASP B 252 17.59 50.57 22.46
C ASP B 252 16.82 51.73 21.84
N ALA B 253 17.40 52.37 20.84
CA ALA B 253 16.73 53.44 20.10
C ALA B 253 15.78 52.93 18.99
N GLY B 254 15.55 51.63 18.87
CA GLY B 254 14.62 51.11 17.82
C GLY B 254 15.23 50.93 16.44
N GLU B 255 16.56 51.02 16.36
CA GLU B 255 17.26 50.80 15.12
C GLU B 255 17.50 49.29 15.02
N PRO B 256 16.95 48.63 13.96
CA PRO B 256 17.23 47.18 13.76
C PRO B 256 18.75 46.92 13.71
N ILE B 257 19.18 45.87 14.36
CA ILE B 257 20.57 45.40 14.24
C ILE B 257 20.71 43.95 13.68
N GLY B 258 19.67 43.12 13.79
CA GLY B 258 19.76 41.77 13.26
C GLY B 258 18.50 41.00 13.52
N PHE B 259 18.61 39.66 13.47
CA PHE B 259 17.48 38.79 13.51
C PHE B 259 17.73 37.53 14.32
N ASN B 260 16.76 37.17 15.17
CA ASN B 260 16.69 35.82 15.68
C ASN B 260 16.03 34.97 14.67
N ILE B 261 16.40 33.71 14.66
CA ILE B 261 15.84 32.79 13.68
C ILE B 261 15.33 31.54 14.36
N TYR B 262 14.18 31.05 13.94
CA TYR B 262 13.61 29.79 14.39
C TYR B 262 13.51 28.86 13.17
N VAL B 263 13.59 27.54 13.41
CA VAL B 263 13.41 26.57 12.30
C VAL B 263 12.65 25.30 12.61
N GLY B 264 11.89 24.83 11.61
CA GLY B 264 11.29 23.53 11.73
C GLY B 264 9.93 23.35 12.37
N GLY B 265 9.04 24.31 12.16
CA GLY B 265 7.65 24.13 12.51
C GLY B 265 6.85 23.53 11.35
N GLY B 266 5.64 23.08 11.63
CA GLY B 266 4.71 22.61 10.65
C GLY B 266 3.49 22.08 11.38
N MET B 267 2.29 22.18 10.76
CA MET B 267 1.08 21.61 11.37
C MET B 267 0.73 20.21 10.82
N GLY B 268 1.07 19.92 9.56
CA GLY B 268 0.47 18.81 8.82
C GLY B 268 0.72 17.45 9.43
N ARG B 269 -0.34 16.66 9.55
CA ARG B 269 -0.24 15.25 10.06
C ARG B 269 -1.41 14.43 9.47
N THR B 270 -1.33 13.12 9.63
CA THR B 270 -2.31 12.17 9.07
C THR B 270 -2.84 11.32 10.22
N HIS B 271 -4.17 11.21 10.30
CA HIS B 271 -4.85 10.38 11.28
C HIS B 271 -4.32 8.96 11.33
N ARG B 272 -4.15 8.43 12.55
CA ARG B 272 -3.66 7.06 12.76
C ARG B 272 -2.26 6.82 12.24
N VAL B 273 -1.49 7.87 11.89
CA VAL B 273 -0.08 7.70 11.48
C VAL B 273 0.79 8.50 12.38
N GLU B 274 1.20 7.86 13.46
CA GLU B 274 1.76 8.58 14.56
C GLU B 274 3.17 9.09 14.29
N THR B 275 3.84 8.60 13.26
CA THR B 275 5.09 9.20 12.80
C THR B 275 4.85 10.54 12.05
N THR B 276 3.60 10.98 11.90
CA THR B 276 3.33 12.33 11.45
C THR B 276 2.83 13.14 12.63
N PHE B 277 3.28 14.40 12.69
CA PHE B 277 2.87 15.25 13.80
C PHE B 277 3.11 16.74 13.53
N PRO B 278 2.31 17.56 14.15
CA PRO B 278 2.67 19.00 14.17
C PRO B 278 3.89 19.22 15.06
N ARG B 279 4.61 20.34 14.91
CA ARG B 279 5.86 20.58 15.61
C ARG B 279 6.07 22.08 15.68
N LEU B 280 6.51 22.56 16.84
CA LEU B 280 6.98 23.93 17.00
C LEU B 280 8.40 24.10 16.48
N ALA B 281 8.69 25.27 15.92
CA ALA B 281 10.03 25.59 15.39
C ALA B 281 11.04 25.80 16.53
N ASP B 282 12.27 25.30 16.40
CA ASP B 282 13.27 25.56 17.45
C ASP B 282 13.96 26.91 17.22
N PRO B 283 14.34 27.57 18.32
CA PRO B 283 15.28 28.69 18.23
C PRO B 283 16.54 28.18 17.60
N LEU B 284 17.05 28.85 16.58
CA LEU B 284 18.26 28.38 15.95
C LEU B 284 19.48 29.22 16.39
N GLY B 285 19.34 30.54 16.32
CA GLY B 285 20.47 31.49 16.48
C GLY B 285 20.07 32.92 16.05
N TYR B 286 21.08 33.80 16.07
CA TYR B 286 21.01 35.19 15.70
C TYR B 286 22.01 35.45 14.54
N VAL B 287 21.63 36.31 13.58
CA VAL B 287 22.56 36.85 12.63
C VAL B 287 22.46 38.37 12.55
N PRO B 288 23.57 39.04 12.19
CA PRO B 288 23.51 40.48 11.96
C PRO B 288 22.72 40.79 10.70
N LYS B 289 22.16 41.98 10.64
CA LYS B 289 21.10 42.22 9.69
C LYS B 289 21.54 42.02 8.25
N GLU B 290 22.80 42.35 7.94
CA GLU B 290 23.31 42.21 6.58
C GLU B 290 23.34 40.76 6.14
N ASP B 291 23.26 39.81 7.07
CA ASP B 291 23.42 38.41 6.75
C ASP B 291 22.13 37.65 6.45
N ILE B 292 21.00 38.29 6.68
CA ILE B 292 19.72 37.56 6.71
C ILE B 292 19.44 36.73 5.46
N LEU B 293 19.62 37.31 4.28
CA LEU B 293 19.29 36.61 3.03
C LEU B 293 20.26 35.43 2.79
N TYR B 294 21.51 35.57 3.24
CA TYR B 294 22.49 34.49 3.13
C TYR B 294 22.13 33.33 4.08
N ALA B 295 21.72 33.66 5.31
CA ALA B 295 21.31 32.64 6.26
C ALA B 295 20.02 31.93 5.82
N ILE B 296 19.09 32.69 5.28
CA ILE B 296 17.82 32.13 4.78
C ILE B 296 18.09 31.18 3.65
N LYS B 297 18.88 31.61 2.67
CA LYS B 297 19.26 30.68 1.56
C LYS B 297 19.94 29.41 2.07
N ALA B 298 20.86 29.57 3.04
CA ALA B 298 21.55 28.39 3.63
C ALA B 298 20.60 27.37 4.20
N ILE B 299 19.55 27.86 4.87
CA ILE B 299 18.54 26.97 5.46
C ILE B 299 17.74 26.27 4.37
N VAL B 300 17.26 27.06 3.41
CA VAL B 300 16.51 26.55 2.25
C VAL B 300 17.32 25.48 1.50
N VAL B 301 18.59 25.76 1.30
CA VAL B 301 19.48 24.85 0.58
C VAL B 301 19.65 23.52 1.37
N THR B 302 19.76 23.61 2.68
CA THR B 302 19.91 22.47 3.52
C THR B 302 18.70 21.60 3.34
N GLN B 303 17.53 22.20 3.30
CA GLN B 303 16.29 21.44 3.04
C GLN B 303 16.25 20.91 1.58
N ARG B 304 16.65 21.73 0.62
CA ARG B 304 16.70 21.28 -0.77
C ARG B 304 17.50 20.00 -0.96
N GLU B 305 18.67 19.97 -0.31
CA GLU B 305 19.65 18.91 -0.54
C GLU B 305 19.31 17.70 0.32
N ASN B 306 18.62 17.89 1.46
CA ASN B 306 18.45 16.77 2.42
C ASN B 306 17.02 16.29 2.71
N GLY B 307 15.99 17.09 2.44
CA GLY B 307 14.63 16.64 2.70
C GLY B 307 14.27 15.44 1.86
N ARG B 308 13.52 14.52 2.43
CA ARG B 308 13.13 13.31 1.72
C ARG B 308 12.24 13.60 0.52
N ARG B 309 12.58 12.87 -0.54
CA ARG B 309 11.90 12.91 -1.81
C ARG B 309 11.31 11.55 -2.21
N ASP B 310 11.37 10.56 -1.33
CA ASP B 310 10.74 9.27 -1.61
C ASP B 310 9.30 9.26 -1.17
N ASP B 311 9.05 9.74 0.04
CA ASP B 311 7.69 9.74 0.58
C ASP B 311 7.32 11.16 1.08
N ARG B 312 6.40 11.80 0.36
CA ARG B 312 5.99 13.19 0.57
C ARG B 312 5.43 13.48 1.98
N LYS B 313 4.91 12.45 2.68
CA LYS B 313 4.47 12.58 4.09
C LYS B 313 5.58 12.98 5.04
N TYR B 314 6.84 12.68 4.68
CA TYR B 314 8.01 12.95 5.52
C TYR B 314 9.04 13.94 4.89
N SER B 315 8.60 14.70 3.91
CA SER B 315 9.44 15.66 3.20
C SER B 315 9.64 17.04 3.88
N ARG B 316 8.73 17.52 4.69
CA ARG B 316 8.84 18.91 5.26
C ARG B 316 10.06 19.00 6.20
N MET B 317 10.68 20.17 6.26
CA MET B 317 11.89 20.37 7.02
C MET B 317 11.76 19.99 8.51
N LYS B 318 10.57 20.08 9.10
CA LYS B 318 10.40 19.66 10.51
C LYS B 318 10.88 18.25 10.74
N TYR B 319 10.75 17.34 9.75
CA TYR B 319 11.19 15.94 9.91
C TYR B 319 12.70 15.78 9.86
N MET B 320 13.39 16.45 8.94
CA MET B 320 14.88 16.50 9.00
C MET B 320 15.35 16.93 10.41
N ILE B 321 14.72 17.99 10.93
CA ILE B 321 15.20 18.56 12.20
C ILE B 321 14.83 17.64 13.36
N ASP B 322 13.67 17.04 13.31
CA ASP B 322 13.33 16.02 14.27
C ASP B 322 14.36 14.89 14.23
N ARG B 323 14.67 14.35 13.06
CA ARG B 323 15.58 13.21 12.97
C ARG B 323 17.05 13.56 13.34
N TRP B 324 17.61 14.67 12.82
CA TRP B 324 19.00 15.04 13.08
C TRP B 324 19.25 15.72 14.45
N GLY B 325 18.20 16.34 15.00
CA GLY B 325 18.27 17.23 16.15
C GLY B 325 18.81 18.59 15.72
N ILE B 326 18.53 19.61 16.53
CA ILE B 326 18.77 21.03 16.13
C ILE B 326 20.25 21.35 15.94
N ASP B 327 21.13 20.70 16.75
CA ASP B 327 22.56 21.01 16.71
C ASP B 327 23.19 20.52 15.42
N ARG B 328 22.90 19.28 15.02
CA ARG B 328 23.44 18.79 13.78
C ARG B 328 22.90 19.61 12.57
N PHE B 329 21.61 19.96 12.63
CA PHE B 329 21.00 20.79 11.60
C PHE B 329 21.71 22.14 11.48
N ARG B 330 21.90 22.81 12.61
CA ARG B 330 22.60 24.09 12.62
C ARG B 330 23.94 23.96 11.94
N ALA B 331 24.70 22.91 12.30
CA ALA B 331 26.05 22.75 11.75
C ALA B 331 25.96 22.58 10.24
N GLU B 332 24.99 21.82 9.77
CA GLU B 332 24.87 21.66 8.32
C GLU B 332 24.56 23.00 7.62
N VAL B 333 23.64 23.77 8.20
CA VAL B 333 23.27 25.10 7.65
C VAL B 333 24.50 26.02 7.56
N GLU B 334 25.30 25.93 8.61
CA GLU B 334 26.49 26.74 8.76
C GLU B 334 27.51 26.48 7.66
N LYS B 335 27.58 25.26 7.12
CA LYS B 335 28.46 25.03 5.94
C LYS B 335 27.97 25.88 4.75
N TYR B 336 26.66 26.07 4.56
CA TYR B 336 26.18 26.85 3.40
C TYR B 336 26.19 28.36 3.66
N TYR B 337 26.11 28.74 4.93
CA TYR B 337 26.10 30.14 5.37
C TYR B 337 27.57 30.64 5.36
N GLY B 338 28.53 29.73 5.65
CA GLY B 338 29.98 30.06 5.57
C GLY B 338 30.49 30.69 6.83
N LYS B 339 29.70 30.62 7.89
CA LYS B 339 30.07 31.17 9.20
C LYS B 339 29.06 30.66 10.23
N LYS B 340 29.37 30.87 11.50
CA LYS B 340 28.56 30.41 12.61
C LYS B 340 27.44 31.41 12.96
N PHE B 341 26.26 30.87 13.28
CA PHE B 341 25.19 31.64 13.93
C PHE B 341 25.69 32.08 15.29
N GLU B 342 25.35 33.33 15.70
CA GLU B 342 25.54 33.75 17.10
C GLU B 342 24.39 33.09 17.87
N SER B 343 24.51 33.13 19.19
CA SER B 343 23.50 32.69 20.13
C SER B 343 22.21 33.47 19.95
N PHE B 344 21.12 32.75 20.02
CA PHE B 344 19.78 33.31 19.98
C PHE B 344 19.64 34.30 21.15
N ARG B 345 19.19 35.53 20.87
CA ARG B 345 19.04 36.53 21.89
C ARG B 345 17.66 36.46 22.56
N PRO B 346 17.58 36.84 23.84
CA PRO B 346 16.30 36.74 24.56
C PRO B 346 15.24 37.63 23.94
N LEU B 347 14.02 37.15 23.94
CA LEU B 347 12.90 37.89 23.39
C LEU B 347 11.80 38.05 24.44
N PRO B 348 10.99 39.11 24.32
CA PRO B 348 9.85 39.26 25.22
C PRO B 348 8.84 38.18 24.90
N GLU B 349 7.94 37.97 25.83
CA GLU B 349 6.80 37.11 25.64
C GLU B 349 5.98 37.45 24.35
N TRP B 350 5.41 36.45 23.71
CA TRP B 350 4.61 36.69 22.50
C TRP B 350 3.26 37.24 22.86
N GLN B 351 2.69 38.06 21.96
CA GLN B 351 1.31 38.49 22.08
C GLN B 351 0.60 38.39 20.73
N PHE B 352 -0.62 37.87 20.74
CA PHE B 352 -1.47 37.87 19.57
C PHE B 352 -1.97 39.28 19.33
N ASN B 353 -1.96 39.77 18.09
CA ASN B 353 -2.64 41.06 17.72
C ASN B 353 -3.55 40.82 16.51
N SER B 354 -4.80 41.27 16.58
CA SER B 354 -5.75 41.09 15.51
C SER B 354 -5.64 42.23 14.52
N TYR B 355 -5.11 43.37 14.99
CA TYR B 355 -5.08 44.67 14.22
C TYR B 355 -6.46 45.22 13.85
N LEU B 356 -7.48 44.82 14.59
CA LEU B 356 -8.84 45.13 14.23
C LEU B 356 -9.19 46.45 14.88
N GLY B 357 -10.16 47.13 14.28
CA GLY B 357 -10.63 48.40 14.81
C GLY B 357 -9.81 49.58 14.32
N TRP B 358 -10.15 50.79 14.85
CA TRP B 358 -9.53 52.06 14.39
C TRP B 358 -8.19 52.26 15.12
N GLN B 359 -7.13 52.45 14.37
CA GLN B 359 -5.81 52.71 14.97
C GLN B 359 -5.04 53.76 14.15
N GLU B 360 -3.93 54.21 14.70
CA GLU B 360 -3.01 55.14 14.08
C GLU B 360 -1.82 54.49 13.38
N GLN B 361 -1.52 54.92 12.16
CA GLN B 361 -0.28 54.48 11.53
C GLN B 361 0.99 55.04 12.13
N GLY B 362 0.95 56.28 12.62
CA GLY B 362 2.15 57.00 13.03
C GLY B 362 2.57 58.12 12.07
N ASP B 363 1.88 58.24 10.94
CA ASP B 363 2.16 59.28 9.98
C ASP B 363 1.03 60.31 9.84
N GLY B 364 0.07 60.29 10.76
CA GLY B 364 -1.08 61.25 10.67
C GLY B 364 -2.32 60.56 10.14
N LYS B 365 -2.14 59.40 9.47
CA LYS B 365 -3.25 58.63 8.93
C LYS B 365 -3.67 57.50 9.84
N LEU B 366 -4.94 57.16 9.77
CA LEU B 366 -5.45 55.99 10.46
C LEU B 366 -5.43 54.71 9.60
N PHE B 367 -5.59 53.56 10.29
CA PHE B 367 -5.93 52.35 9.63
C PHE B 367 -7.11 51.72 10.36
N TYR B 368 -7.89 50.91 9.67
CA TYR B 368 -9.00 50.21 10.25
C TYR B 368 -8.96 48.73 9.87
N GLY B 369 -8.94 47.83 10.88
CA GLY B 369 -8.99 46.41 10.61
C GLY B 369 -10.39 45.89 10.64
N VAL B 370 -10.79 45.26 9.53
CA VAL B 370 -12.16 44.74 9.30
C VAL B 370 -12.24 43.29 9.65
N HIS B 371 -13.06 42.98 10.67
CA HIS B 371 -13.38 41.59 11.03
C HIS B 371 -14.12 40.92 9.89
N VAL B 372 -13.58 39.85 9.35
CA VAL B 372 -14.19 38.97 8.37
C VAL B 372 -14.15 37.51 8.85
N ASP B 373 -15.32 36.96 9.12
CA ASP B 373 -15.46 35.55 9.50
C ASP B 373 -14.96 34.67 8.33
N ASN B 374 -13.90 33.89 8.64
CA ASN B 374 -13.32 32.92 7.69
C ASN B 374 -12.71 33.54 6.45
N GLY B 375 -12.47 34.86 6.50
CA GLY B 375 -11.98 35.52 5.32
C GLY B 375 -12.87 35.54 4.09
N ARG B 376 -14.16 35.18 4.23
CA ARG B 376 -15.01 35.07 3.04
C ARG B 376 -15.66 36.42 2.82
N VAL B 377 -15.25 37.08 1.74
CA VAL B 377 -15.75 38.38 1.31
C VAL B 377 -16.75 38.14 0.14
N GLY B 378 -18.02 38.46 0.37
CA GLY B 378 -19.07 38.17 -0.59
C GLY B 378 -20.28 39.07 -0.31
N GLY B 379 -21.25 39.05 -1.22
CA GLY B 379 -22.48 39.83 -1.09
C GLY B 379 -22.31 41.31 -0.81
N GLN B 380 -23.09 41.81 0.14
CA GLN B 380 -23.12 43.23 0.39
C GLN B 380 -21.77 43.69 0.98
N ALA B 381 -21.20 42.86 1.84
CA ALA B 381 -19.90 43.14 2.46
C ALA B 381 -18.83 43.37 1.41
N LYS B 382 -18.76 42.48 0.43
CA LYS B 382 -17.86 42.65 -0.73
C LYS B 382 -18.11 43.95 -1.48
N LYS B 383 -19.38 44.19 -1.77
CA LYS B 383 -19.75 45.41 -2.55
C LYS B 383 -19.32 46.66 -1.80
N THR B 384 -19.64 46.73 -0.51
CA THR B 384 -19.27 47.92 0.30
C THR B 384 -17.78 48.10 0.47
N LEU B 385 -17.07 47.00 0.68
CA LEU B 385 -15.60 47.08 0.77
C LEU B 385 -15.05 47.63 -0.53
N ARG B 386 -15.56 47.19 -1.68
CA ARG B 386 -15.07 47.75 -2.93
C ARG B 386 -15.37 49.23 -3.14
N GLU B 387 -16.61 49.64 -2.84
CA GLU B 387 -16.93 51.06 -2.92
C GLU B 387 -15.97 51.91 -2.07
N ILE B 388 -15.72 51.52 -0.84
CA ILE B 388 -14.85 52.29 0.06
C ILE B 388 -13.44 52.33 -0.53
N ILE B 389 -12.91 51.13 -0.86
CA ILE B 389 -11.50 51.04 -1.32
C ILE B 389 -11.31 51.88 -2.60
N GLU B 390 -12.33 51.84 -3.46
CA GLU B 390 -12.19 52.50 -4.75
C GLU B 390 -12.38 54.02 -4.53
N LYS B 391 -13.43 54.41 -3.82
CA LYS B 391 -13.73 55.82 -3.60
C LYS B 391 -12.56 56.53 -2.93
N TYR B 392 -11.99 55.92 -1.89
CA TYR B 392 -10.85 56.59 -1.23
C TYR B 392 -9.45 56.22 -1.76
N ASN B 393 -9.40 55.43 -2.85
CA ASN B 393 -8.15 54.98 -3.41
C ASN B 393 -7.22 54.38 -2.38
N LEU B 394 -7.77 53.48 -1.56
CA LEU B 394 -6.99 52.81 -0.49
C LEU B 394 -6.23 51.56 -0.96
N ASP B 395 -4.99 51.46 -0.50
CA ASP B 395 -4.34 50.19 -0.39
C ASP B 395 -4.86 49.46 0.86
N VAL B 396 -4.67 48.14 0.90
CA VAL B 396 -5.18 47.35 1.97
C VAL B 396 -4.13 46.31 2.29
N SER B 397 -4.29 45.65 3.42
CA SER B 397 -3.51 44.46 3.69
C SER B 397 -4.30 43.35 4.35
N ILE B 398 -3.86 42.12 4.08
CA ILE B 398 -4.52 40.93 4.55
C ILE B 398 -3.75 40.47 5.80
N THR B 399 -4.50 40.03 6.83
CA THR B 399 -3.90 39.52 8.07
C THR B 399 -3.87 37.98 8.09
N PRO B 400 -2.99 37.38 8.92
CA PRO B 400 -2.99 35.91 8.99
C PRO B 400 -4.18 35.34 9.71
N ASN B 401 -5.07 36.18 10.22
CA ASN B 401 -6.33 35.66 10.78
C ASN B 401 -7.50 35.94 9.79
N GLN B 402 -7.16 36.12 8.51
CA GLN B 402 -8.14 36.11 7.42
C GLN B 402 -9.01 37.38 7.48
N ASN B 403 -8.41 38.47 7.97
CA ASN B 403 -9.09 39.75 8.02
C ASN B 403 -8.47 40.72 7.03
N LEU B 404 -9.08 41.91 6.92
CA LEU B 404 -8.66 42.90 5.95
C LEU B 404 -8.44 44.25 6.66
N ILE B 405 -7.29 44.84 6.46
CA ILE B 405 -6.97 46.15 6.99
C ILE B 405 -7.05 47.17 5.85
N LEU B 406 -7.85 48.20 6.10
CA LEU B 406 -7.94 49.34 5.24
C LEU B 406 -6.86 50.36 5.66
N CYS B 407 -5.94 50.67 4.76
CA CYS B 407 -4.81 51.53 5.10
C CYS B 407 -4.99 52.97 4.59
N GLY B 408 -4.26 53.87 5.21
CA GLY B 408 -4.06 55.20 4.66
C GLY B 408 -5.33 56.05 4.75
N ILE B 409 -6.06 55.95 5.84
CA ILE B 409 -7.34 56.69 5.94
C ILE B 409 -7.19 58.08 6.62
N ASP B 410 -7.68 59.13 5.96
CA ASP B 410 -7.69 60.46 6.59
C ASP B 410 -8.68 60.47 7.75
N GLN B 411 -8.35 61.27 8.73
CA GLN B 411 -9.23 61.51 9.88
C GLN B 411 -10.64 61.88 9.48
N ALA B 412 -10.79 62.77 8.52
CA ALA B 412 -12.12 63.17 8.04
C ALA B 412 -12.91 61.99 7.42
N TRP B 413 -12.23 60.95 6.96
CA TRP B 413 -12.94 59.79 6.40
C TRP B 413 -13.44 58.78 7.43
N ARG B 414 -13.02 58.90 8.69
CA ARG B 414 -13.35 57.87 9.62
C ARG B 414 -14.86 57.65 9.78
N GLU B 415 -15.62 58.73 9.97
CA GLU B 415 -17.11 58.62 10.18
C GLU B 415 -17.89 58.01 8.98
N PRO B 416 -17.68 58.50 7.77
CA PRO B 416 -18.40 57.90 6.62
C PRO B 416 -17.98 56.48 6.28
N ILE B 417 -16.72 56.12 6.51
CA ILE B 417 -16.29 54.74 6.34
C ILE B 417 -16.97 53.86 7.39
N THR B 418 -16.94 54.31 8.63
CA THR B 418 -17.56 53.59 9.74
C THR B 418 -19.06 53.33 9.48
N THR B 419 -19.76 54.36 9.04
CA THR B 419 -21.19 54.28 8.71
C THR B 419 -21.45 53.29 7.54
N ALA B 420 -20.71 53.41 6.45
CA ALA B 420 -20.87 52.46 5.36
C ALA B 420 -20.58 51.00 5.77
N LEU B 421 -19.47 50.77 6.45
CA LEU B 421 -19.18 49.42 6.94
C LEU B 421 -20.31 48.87 7.79
N ALA B 422 -20.72 49.64 8.80
CA ALA B 422 -21.80 49.17 9.68
C ALA B 422 -23.09 48.81 8.90
N GLN B 423 -23.45 49.61 7.89
CA GLN B 423 -24.63 49.38 7.08
C GLN B 423 -24.58 48.11 6.21
N ALA B 424 -23.39 47.60 5.93
CA ALA B 424 -23.24 46.37 5.24
C ALA B 424 -23.03 45.18 6.19
N GLY B 425 -23.22 45.36 7.48
CA GLY B 425 -23.04 44.26 8.45
C GLY B 425 -21.62 44.02 8.88
N LEU B 426 -20.72 44.95 8.59
CA LEU B 426 -19.29 44.78 8.95
C LEU B 426 -18.96 45.58 10.22
N LEU B 427 -19.02 44.86 11.34
CA LEU B 427 -19.02 45.46 12.69
C LEU B 427 -17.62 45.68 13.27
N GLU B 428 -17.49 46.69 14.12
CA GLU B 428 -16.30 46.92 14.90
C GLU B 428 -16.17 45.88 15.98
N PRO B 429 -14.96 45.63 16.44
CA PRO B 429 -14.72 44.50 17.35
C PRO B 429 -15.62 44.43 18.61
N LYS B 430 -15.87 45.59 19.20
CA LYS B 430 -16.74 45.65 20.38
C LYS B 430 -18.17 45.08 20.12
N ASP B 431 -18.61 45.02 18.86
CA ASP B 431 -19.93 44.48 18.53
C ASP B 431 -19.89 43.10 17.91
N VAL B 432 -18.80 42.38 18.07
CA VAL B 432 -18.67 41.03 17.56
C VAL B 432 -18.40 40.14 18.76
N ASP B 433 -19.03 38.97 18.82
CA ASP B 433 -18.70 37.98 19.86
C ASP B 433 -17.18 37.76 19.86
N PRO B 434 -16.53 37.87 21.05
CA PRO B 434 -15.05 37.63 21.06
C PRO B 434 -14.61 36.25 20.56
N LEU B 435 -15.46 35.23 20.67
CA LEU B 435 -15.21 33.95 20.01
C LEU B 435 -14.91 34.09 18.49
N ASN B 436 -15.71 34.88 17.78
CA ASN B 436 -15.54 35.05 16.35
C ASN B 436 -14.28 35.83 16.07
N LEU B 437 -13.90 36.78 16.92
CA LEU B 437 -12.73 37.62 16.62
C LEU B 437 -11.44 36.81 16.51
N THR B 438 -11.28 35.76 17.32
CA THR B 438 -10.11 34.93 17.22
C THR B 438 -10.33 33.61 16.54
N ALA B 439 -11.54 33.33 16.09
CA ALA B 439 -11.82 32.06 15.39
C ALA B 439 -11.33 32.04 13.96
N MET B 440 -10.98 30.83 13.49
CA MET B 440 -10.60 30.63 12.11
C MET B 440 -11.06 29.23 11.63
N ALA B 441 -11.58 29.15 10.41
CA ALA B 441 -11.77 27.85 9.76
C ALA B 441 -11.18 27.87 8.39
N CYS B 442 -10.81 26.67 7.92
CA CYS B 442 -10.35 26.47 6.54
C CYS B 442 -11.53 26.29 5.59
N PRO B 443 -11.31 26.42 4.27
CA PRO B 443 -12.45 26.32 3.35
C PRO B 443 -13.11 24.94 3.39
N ALA B 444 -12.29 23.90 3.48
CA ALA B 444 -12.78 22.52 3.50
C ALA B 444 -13.79 22.30 2.34
N LEU B 445 -14.90 21.62 2.58
CA LEU B 445 -15.92 21.43 1.56
C LEU B 445 -16.53 22.77 1.18
N PRO B 446 -16.94 22.93 -0.09
CA PRO B 446 -17.10 21.88 -1.08
C PRO B 446 -15.99 21.68 -2.08
N LEU B 447 -15.01 22.57 -2.14
CA LEU B 447 -14.04 22.53 -3.18
C LEU B 447 -12.71 21.91 -2.76
N CYS B 448 -12.44 21.79 -1.46
CA CYS B 448 -11.16 21.13 -1.01
C CYS B 448 -11.16 19.62 -1.27
N PRO B 449 -10.22 19.14 -2.09
CA PRO B 449 -10.32 17.67 -2.35
C PRO B 449 -9.87 16.82 -1.16
N LEU B 450 -9.25 17.39 -0.12
CA LEU B 450 -8.81 16.56 0.98
C LEU B 450 -9.77 16.59 2.15
N ALA B 451 -10.76 17.46 2.15
CA ALA B 451 -11.67 17.54 3.31
C ALA B 451 -12.38 16.23 3.61
N GLN B 452 -12.45 15.90 4.91
CA GLN B 452 -13.22 14.77 5.44
C GLN B 452 -14.52 15.32 5.97
N THR B 453 -14.53 16.61 6.36
CA THR B 453 -15.79 17.24 6.76
C THR B 453 -15.79 18.77 6.64
N GLU B 454 -16.86 19.44 7.07
CA GLU B 454 -17.03 20.87 6.99
C GLU B 454 -16.11 21.65 7.99
N ALA B 455 -15.74 22.85 7.63
CA ALA B 455 -15.06 23.71 8.55
C ALA B 455 -15.67 25.10 8.38
N GLU B 456 -15.32 25.80 7.31
CA GLU B 456 -15.88 27.10 7.04
C GLU B 456 -17.39 27.10 7.13
N ARG B 457 -18.05 26.13 6.46
CA ARG B 457 -19.51 26.15 6.40
C ARG B 457 -20.13 25.67 7.69
N GLY B 458 -19.36 25.13 8.65
CA GLY B 458 -19.95 24.74 9.96
C GLY B 458 -19.55 25.56 11.18
N ILE B 459 -18.52 26.40 11.04
CA ILE B 459 -17.92 26.96 12.21
C ILE B 459 -18.89 27.94 12.90
N LEU B 460 -19.64 28.71 12.15
CA LEU B 460 -20.43 29.77 12.79
C LEU B 460 -21.50 29.20 13.73
N PRO B 461 -22.26 28.19 13.27
CA PRO B 461 -23.16 27.58 14.23
C PRO B 461 -22.43 26.97 15.44
N ILE B 462 -21.21 26.47 15.25
CA ILE B 462 -20.45 25.93 16.37
C ILE B 462 -20.11 27.02 17.40
N LEU B 463 -19.78 28.21 16.94
CA LEU B 463 -19.39 29.32 17.83
C LEU B 463 -20.59 29.74 18.67
N LYS B 464 -21.73 29.89 18.03
CA LYS B 464 -23.01 30.15 18.76
C LYS B 464 -23.29 29.06 19.78
N ARG B 465 -23.07 27.79 19.43
CA ARG B 465 -23.24 26.69 20.44
C ARG B 465 -22.22 26.82 21.57
N ILE B 466 -20.99 27.24 21.25
CA ILE B 466 -20.02 27.47 22.34
C ILE B 466 -20.48 28.60 23.29
N ARG B 467 -20.95 29.70 22.71
CA ARG B 467 -21.41 30.84 23.51
C ARG B 467 -22.60 30.37 24.40
N ALA B 468 -23.47 29.52 23.84
CA ALA B 468 -24.66 29.01 24.60
C ALA B 468 -24.22 28.12 25.75
N VAL B 469 -23.16 27.34 25.53
CA VAL B 469 -22.59 26.63 26.65
C VAL B 469 -22.05 27.59 27.74
N PHE B 470 -21.34 28.64 27.31
CA PHE B 470 -20.81 29.63 28.24
C PHE B 470 -21.94 30.22 29.10
N ASN B 471 -23.00 30.67 28.43
CA ASN B 471 -24.17 31.22 29.12
C ASN B 471 -24.80 30.23 30.11
N LYS B 472 -24.91 28.98 29.71
CA LYS B 472 -25.49 27.97 30.57
C LYS B 472 -24.62 27.75 31.80
N VAL B 473 -23.30 27.76 31.61
CA VAL B 473 -22.40 27.51 32.72
C VAL B 473 -22.27 28.72 33.65
N GLY B 474 -22.62 29.92 33.18
CA GLY B 474 -22.38 31.13 33.95
C GLY B 474 -21.11 31.90 33.61
N ILE B 475 -20.51 31.63 32.45
CA ILE B 475 -19.34 32.41 31.99
C ILE B 475 -19.83 33.68 31.30
N LYS B 476 -19.16 34.80 31.60
CA LYS B 476 -19.47 36.16 31.09
C LYS B 476 -19.26 36.26 29.60
N ASP B 477 -20.03 37.10 28.92
CA ASP B 477 -19.99 37.07 27.48
C ASP B 477 -18.77 37.82 26.90
N SER B 478 -17.97 38.44 27.76
CA SER B 478 -16.74 39.01 27.31
C SER B 478 -15.61 37.97 27.38
N GLU B 479 -15.83 36.79 27.96
CA GLU B 479 -14.83 35.72 27.99
C GLU B 479 -14.87 34.95 26.68
N SER B 480 -13.74 34.38 26.34
CA SER B 480 -13.51 33.71 25.05
C SER B 480 -12.42 32.63 25.13
N VAL B 481 -12.38 31.80 24.11
CA VAL B 481 -11.22 30.94 23.85
C VAL B 481 -10.99 30.97 22.33
N VAL B 482 -9.74 30.74 21.95
CA VAL B 482 -9.39 30.54 20.52
C VAL B 482 -9.90 29.22 19.98
N VAL B 483 -10.78 29.32 18.99
CA VAL B 483 -11.42 28.19 18.34
C VAL B 483 -10.93 28.19 16.89
N ARG B 484 -10.30 27.10 16.50
CA ARG B 484 -9.86 26.88 15.13
C ARG B 484 -10.35 25.52 14.64
N ILE B 485 -10.87 25.47 13.42
CA ILE B 485 -11.54 24.26 12.88
C ILE B 485 -11.04 23.97 11.49
N THR B 486 -10.62 22.70 11.27
CA THR B 486 -10.26 22.22 9.95
C THR B 486 -11.13 21.01 9.60
N GLY B 487 -11.23 20.76 8.28
CA GLY B 487 -12.01 19.67 7.74
C GLY B 487 -11.23 18.39 7.67
N CYS B 488 -9.92 18.49 7.95
CA CYS B 488 -9.02 17.33 7.88
C CYS B 488 -7.73 17.69 8.63
N PRO B 489 -6.84 16.70 8.84
CA PRO B 489 -5.70 16.97 9.74
C PRO B 489 -4.52 17.75 9.16
N ASN B 490 -4.62 18.23 7.90
CA ASN B 490 -3.54 19.01 7.30
C ASN B 490 -3.23 20.30 8.01
N GLY B 491 -4.24 20.90 8.62
CA GLY B 491 -4.06 21.95 9.60
C GLY B 491 -3.98 23.38 9.08
N CYS B 492 -4.73 23.66 8.00
CA CYS B 492 -4.64 24.93 7.30
C CYS B 492 -5.06 26.17 8.12
N ALA B 493 -5.87 25.96 9.14
CA ALA B 493 -6.31 27.03 10.07
C ALA B 493 -5.47 26.94 11.37
N ARG B 494 -4.32 26.27 11.29
CA ARG B 494 -3.45 26.10 12.40
C ARG B 494 -4.17 25.67 13.67
N PRO B 495 -4.98 24.61 13.55
CA PRO B 495 -5.83 24.19 14.75
C PRO B 495 -5.04 23.64 15.94
N TYR B 496 -3.83 23.17 15.66
CA TYR B 496 -2.97 22.57 16.66
C TYR B 496 -2.32 23.60 17.59
N MET B 497 -2.51 24.89 17.30
CA MET B 497 -2.14 25.98 18.20
C MET B 497 -3.37 26.52 18.95
N ALA B 498 -4.54 25.91 18.77
CA ALA B 498 -5.77 26.49 19.36
C ALA B 498 -5.95 26.12 20.82
N GLU B 499 -6.64 26.98 21.56
CA GLU B 499 -7.19 26.59 22.90
C GLU B 499 -8.27 25.51 22.78
N LEU B 500 -9.01 25.57 21.68
CA LEU B 500 -10.01 24.58 21.36
C LEU B 500 -9.96 24.36 19.86
N GLY B 501 -9.36 23.24 19.48
CA GLY B 501 -9.22 22.91 18.08
C GLY B 501 -10.16 21.79 17.72
N PHE B 502 -10.83 21.91 16.57
CA PHE B 502 -11.66 20.80 16.02
C PHE B 502 -11.06 20.37 14.69
N VAL B 503 -10.63 19.14 14.61
CA VAL B 503 -9.96 18.65 13.42
C VAL B 503 -10.73 17.49 12.82
N GLY B 504 -11.29 17.74 11.64
CA GLY B 504 -12.17 16.79 10.96
C GLY B 504 -11.54 15.43 10.93
N ASP B 505 -12.25 14.41 11.45
CA ASP B 505 -11.73 13.04 11.41
C ASP B 505 -12.81 11.98 11.04
N GLY B 506 -13.92 12.47 10.47
CA GLY B 506 -14.98 11.63 9.93
C GLY B 506 -16.02 12.54 9.29
N PRO B 507 -17.03 11.94 8.62
CA PRO B 507 -17.93 12.75 7.79
C PRO B 507 -18.67 13.78 8.60
N LYS B 508 -18.92 13.50 9.87
CA LYS B 508 -19.62 14.44 10.71
C LYS B 508 -19.06 14.44 12.14
N SER B 509 -17.75 14.29 12.23
CA SER B 509 -17.06 14.31 13.48
C SER B 509 -15.70 15.00 13.45
N TYR B 510 -15.28 15.37 14.63
CA TYR B 510 -14.05 16.10 14.88
C TYR B 510 -13.25 15.44 15.97
N GLN B 511 -11.95 15.45 15.78
CA GLN B 511 -10.98 15.24 16.80
C GLN B 511 -10.77 16.57 17.53
N ILE B 512 -10.82 16.55 18.86
CA ILE B 512 -10.66 17.76 19.66
C ILE B 512 -9.27 17.81 20.24
N TRP B 513 -8.69 19.01 20.17
CA TRP B 513 -7.36 19.33 20.60
C TRP B 513 -7.41 20.49 21.61
N LEU B 514 -6.64 20.37 22.68
CA LEU B 514 -6.61 21.37 23.72
C LEU B 514 -5.16 21.64 24.09
N GLY B 515 -4.89 22.82 24.65
CA GLY B 515 -3.55 23.14 25.15
C GLY B 515 -2.78 24.24 24.43
N GLY B 516 -3.32 24.76 23.34
CA GLY B 516 -2.84 26.03 22.78
C GLY B 516 -3.17 27.16 23.71
N THR B 517 -2.52 28.31 23.53
CA THR B 517 -2.71 29.42 24.42
C THR B 517 -3.07 30.65 23.62
N PRO B 518 -3.59 31.72 24.31
CA PRO B 518 -4.02 32.93 23.59
C PRO B 518 -2.97 33.63 22.71
N ASN B 519 -1.72 33.50 23.02
CA ASN B 519 -0.63 34.10 22.21
C ASN B 519 0.08 33.13 21.23
N GLN B 520 -0.51 31.96 21.00
CA GLN B 520 0.06 30.89 20.17
C GLN B 520 1.51 30.48 20.50
N SER B 521 1.82 30.37 21.79
CA SER B 521 3.18 30.01 22.23
C SER B 521 3.24 28.54 22.61
N THR B 522 2.14 27.78 22.53
CA THR B 522 2.21 26.36 22.90
C THR B 522 1.54 25.51 21.86
N LEU B 523 1.94 24.25 21.82
CA LEU B 523 1.37 23.22 20.96
C LEU B 523 0.23 22.46 21.64
N ALA B 524 -0.94 22.37 21.04
CA ALA B 524 -2.02 21.60 21.63
C ALA B 524 -1.77 20.08 21.53
N GLU B 525 -2.56 19.29 22.23
CA GLU B 525 -2.49 17.84 22.07
C GLU B 525 -3.87 17.28 21.86
N SER B 526 -3.87 16.08 21.29
CA SER B 526 -5.05 15.36 20.91
C SER B 526 -5.79 14.94 22.19
N PHE B 527 -7.01 15.39 22.38
CA PHE B 527 -7.76 15.13 23.61
C PHE B 527 -8.80 13.97 23.44
N MET B 528 -9.65 14.05 22.43
CA MET B 528 -10.64 12.96 22.09
C MET B 528 -10.79 12.85 20.57
N ASP B 529 -10.97 11.63 20.11
CA ASP B 529 -11.25 11.31 18.74
C ASP B 529 -12.75 11.11 18.46
N LYS B 530 -13.14 11.43 17.23
CA LYS B 530 -14.43 11.14 16.69
C LYS B 530 -15.54 11.65 17.52
N VAL B 531 -15.45 12.90 17.91
CA VAL B 531 -16.57 13.54 18.58
C VAL B 531 -17.56 13.96 17.50
N LYS B 532 -18.76 13.41 17.58
CA LYS B 532 -19.78 13.71 16.59
C LYS B 532 -20.28 15.12 16.79
N LEU B 533 -20.58 15.78 15.69
CA LEU B 533 -21.09 17.14 15.71
C LEU B 533 -22.20 17.35 16.71
N ASP B 534 -23.17 16.44 16.75
CA ASP B 534 -24.30 16.57 17.70
C ASP B 534 -23.91 16.48 19.18
N ASP B 535 -22.76 15.87 19.47
CA ASP B 535 -22.34 15.57 20.84
C ASP B 535 -21.41 16.60 21.46
N ILE B 536 -21.08 17.69 20.76
CA ILE B 536 -19.94 18.49 21.24
C ILE B 536 -20.23 19.13 22.62
N GLU B 537 -21.49 19.42 22.91
CA GLU B 537 -21.86 19.94 24.24
C GLU B 537 -21.53 18.98 25.39
N LYS B 538 -21.57 17.67 25.08
CA LYS B 538 -21.30 16.64 26.08
C LYS B 538 -19.86 16.67 26.49
N VAL B 539 -19.01 17.16 25.61
CA VAL B 539 -17.64 17.38 25.97
C VAL B 539 -17.40 18.79 26.50
N LEU B 540 -17.94 19.78 25.80
CA LEU B 540 -17.57 21.19 26.10
C LEU B 540 -18.18 21.62 27.46
N GLU B 541 -19.40 21.16 27.76
CA GLU B 541 -20.02 21.63 29.03
C GLU B 541 -19.21 21.27 30.29
N PRO B 542 -18.83 19.99 30.44
CA PRO B 542 -17.98 19.65 31.57
C PRO B 542 -16.63 20.39 31.61
N LEU B 543 -15.95 20.48 30.47
CA LEU B 543 -14.67 21.22 30.41
C LEU B 543 -14.87 22.64 30.87
N PHE B 544 -15.88 23.31 30.34
CA PHE B 544 -16.04 24.72 30.64
C PHE B 544 -16.59 24.98 32.02
N THR B 545 -17.35 24.02 32.55
CA THR B 545 -17.82 24.06 33.93
C THR B 545 -16.66 24.00 34.90
N TYR B 546 -15.75 23.08 34.65
CA TYR B 546 -14.55 22.90 35.48
C TYR B 546 -13.60 24.11 35.38
N TRP B 547 -13.45 24.68 34.19
CA TRP B 547 -12.64 25.92 34.02
C TRP B 547 -13.29 27.03 34.81
N ASN B 548 -14.58 27.21 34.61
CA ASN B 548 -15.31 28.28 35.33
C ASN B 548 -15.25 28.06 36.83
N GLY B 549 -15.39 26.80 37.28
CA GLY B 549 -15.36 26.47 38.74
C GLY B 549 -13.97 26.59 39.39
N THR B 550 -12.89 26.20 38.69
CA THR B 550 -11.57 26.15 39.35
C THR B 550 -10.43 26.96 38.73
N ARG B 551 -10.68 27.74 37.67
CA ARG B 551 -9.63 28.56 37.10
C ARG B 551 -9.12 29.54 38.17
N GLN B 552 -7.88 29.92 38.03
CA GLN B 552 -7.32 31.03 38.78
C GLN B 552 -7.78 32.31 38.11
N GLU B 553 -7.68 33.45 38.83
CA GLU B 553 -8.14 34.77 38.33
C GLU B 553 -7.50 35.19 36.96
N GLY B 554 -8.35 35.33 35.96
CA GLY B 554 -7.92 35.64 34.59
C GLY B 554 -7.19 34.52 33.87
N GLU B 555 -7.13 33.31 34.42
CA GLU B 555 -6.44 32.19 33.71
C GLU B 555 -7.22 31.76 32.47
N SER B 556 -6.55 31.83 31.33
CA SER B 556 -7.10 31.43 30.04
C SER B 556 -7.43 29.93 30.09
N PHE B 557 -8.35 29.51 29.24
CA PHE B 557 -8.67 28.10 29.07
C PHE B 557 -7.45 27.26 28.72
N GLY B 558 -6.61 27.79 27.84
CA GLY B 558 -5.42 27.08 27.43
C GLY B 558 -4.44 26.86 28.57
N SER B 559 -4.15 27.92 29.32
CA SER B 559 -3.23 27.80 30.42
C SER B 559 -3.81 26.88 31.44
N PHE B 560 -5.12 26.96 31.65
CA PHE B 560 -5.79 26.09 32.61
C PHE B 560 -5.66 24.64 32.21
N THR B 561 -5.93 24.36 30.93
CA THR B 561 -5.76 23.02 30.33
C THR B 561 -4.35 22.46 30.61
N ASN B 562 -3.34 23.19 30.21
CA ASN B 562 -1.95 22.79 30.44
C ASN B 562 -1.60 22.60 31.92
N ARG B 563 -2.14 23.41 32.83
CA ARG B 563 -1.87 23.20 34.26
C ARG B 563 -2.56 21.97 34.80
N THR B 564 -3.83 21.80 34.43
CA THR B 564 -4.65 20.73 34.93
C THR B 564 -4.31 19.34 34.34
N GLY B 565 -4.04 19.30 33.04
CA GLY B 565 -3.57 18.08 32.39
C GLY B 565 -4.74 17.21 31.96
N PHE B 566 -4.45 16.34 31.01
CA PHE B 566 -5.46 15.58 30.29
C PHE B 566 -6.17 14.54 31.15
N ASP B 567 -5.46 13.92 32.09
CA ASP B 567 -6.06 12.88 32.96
C ASP B 567 -7.22 13.41 33.74
N LYS B 568 -7.03 14.57 34.33
CA LYS B 568 -8.09 15.18 35.10
C LYS B 568 -9.25 15.70 34.20
N LEU B 569 -8.92 16.24 33.04
CA LEU B 569 -9.94 16.78 32.12
C LEU B 569 -10.81 15.63 31.55
N LYS B 570 -10.18 14.50 31.22
CA LYS B 570 -10.94 13.33 30.76
C LYS B 570 -11.86 12.75 31.83
N GLU B 571 -11.37 12.72 33.06
CA GLU B 571 -12.22 12.31 34.22
C GLU B 571 -13.39 13.21 34.36
N VAL B 572 -13.20 14.51 34.17
CA VAL B 572 -14.29 15.45 34.35
C VAL B 572 -15.33 15.22 33.25
N VAL B 573 -14.85 14.99 32.02
CA VAL B 573 -15.71 14.73 30.91
C VAL B 573 -16.42 13.38 31.11
N ASN B 574 -15.68 12.36 31.53
CA ASN B 574 -16.27 11.01 31.69
C ASN B 574 -17.28 10.95 32.83
N LYS B 575 -17.14 11.70 33.90
CA LYS B 575 -18.17 11.62 34.92
C LYS B 575 -19.38 12.50 34.61
N TRP B 576 -19.32 13.39 33.62
CA TRP B 576 -20.44 14.29 33.34
C TRP B 576 -21.76 13.51 33.11
FE1 SF4 C . -7.19 -20.60 -4.77
FE2 SF4 C . -5.82 -22.72 -4.15
FE3 SF4 C . -8.14 -23.03 -5.03
FE4 SF4 C . -7.81 -21.96 -2.66
S1 SF4 C . -7.34 -23.99 -3.29
S2 SF4 C . -9.12 -21.31 -4.23
S3 SF4 C . -5.96 -20.89 -2.99
S4 SF4 C . -6.48 -22.11 -6.11
FE SRM D . -2.07 -24.61 -3.23
CHA SRM D . -2.33 -22.02 -1.01
CHB SRM D . -4.66 -26.25 -1.67
CHC SRM D . -1.11 -27.47 -4.72
CHD SRM D . -0.56 -22.66 -5.58
NA SRM D . -3.22 -24.23 -1.55
C1A SRM D . -3.26 -23.14 -0.78
C2A SRM D . -4.24 -23.21 0.40
CMA SRM D . -3.34 -23.83 1.52
CDA SRM D . -4.93 -21.92 0.86
CEA SRM D . -4.14 -21.16 1.98
O3A SRM D . -3.06 -20.60 1.78
O4A SRM D . -4.61 -21.12 3.12
C3A SRM D . -4.98 -24.38 -0.03
CAA SRM D . -6.02 -24.99 0.89
CBA SRM D . -7.34 -25.41 0.34
CCA SRM D . -8.07 -26.31 1.37
O1A SRM D . -7.70 -27.51 1.57
O2A SRM D . -9.11 -25.86 1.93
C4A SRM D . -4.28 -24.93 -1.19
NB SRM D . -2.71 -26.49 -3.19
C1B SRM D . -3.80 -27.00 -2.52
C2B SRM D . -4.08 -28.47 -2.69
CMB SRM D . -4.86 -29.36 -1.69
CDB SRM D . -4.93 -28.44 -4.04
CEB SRM D . -5.51 -29.74 -4.60
O3B SRM D . -4.83 -30.79 -4.54
O4B SRM D . -6.69 -29.72 -5.11
C3B SRM D . -2.82 -28.66 -3.38
CAB SRM D . -2.32 -29.95 -3.66
CBB SRM D . -1.00 -29.66 -2.60
CCB SRM D . 0.12 -30.42 -1.70
O1B SRM D . 0.08 -31.56 -1.20
O2B SRM D . 1.20 -29.91 -1.29
C4B SRM D . -2.14 -27.51 -3.78
NC SRM D . -0.91 -25.02 -4.91
C1C SRM D . -0.72 -26.23 -5.44
C2C SRM D . -0.04 -26.12 -6.73
CDC SRM D . 0.30 -27.24 -7.63
CEC SRM D . 1.57 -27.88 -7.55
O3C SRM D . 2.25 -27.65 -6.56
O4C SRM D . 1.79 -28.57 -8.52
C3C SRM D . 0.10 -24.70 -7.00
CAC SRM D . 0.70 -24.05 -8.19
CBC SRM D . 2.19 -24.20 -8.33
CCC SRM D . 2.81 -23.01 -7.61
O1C SRM D . 3.05 -21.98 -8.28
O2C SRM D . 3.02 -23.19 -6.36
C4C SRM D . -0.52 -24.11 -5.83
ND SRM D . -1.43 -22.67 -3.27
C1D SRM D . -0.93 -22.00 -4.29
C2D SRM D . -0.64 -20.58 -3.97
CAD SRM D . 0.00 -19.61 -4.91
CBD SRM D . 1.52 -19.75 -4.60
CCD SRM D . 2.41 -18.69 -5.18
O1D SRM D . 1.94 -17.81 -5.87
O2D SRM D . 3.63 -18.70 -5.00
C3D SRM D . -1.18 -20.39 -2.64
CDD SRM D . -1.24 -19.17 -1.72
CED SRM D . 0.06 -18.75 -1.18
O3D SRM D . 1.06 -19.55 -1.12
O4D SRM D . 0.10 -17.56 -0.84
C4D SRM D . -1.65 -21.74 -2.29
P PO4 E . 0.51 -25.29 -1.81
O1 PO4 E . -0.98 -25.19 -2.07
O2 PO4 E . 0.73 -25.07 -0.29
O3 PO4 E . 1.12 -26.65 -2.27
O4 PO4 E . 1.21 -24.21 -2.55
MG MG F . -8.66 -37.45 -10.52
MG MG G . 3.23 -21.56 3.46
FE1 SF4 H . -7.77 19.91 5.11
FE2 SF4 H . -6.69 22.25 4.39
FE3 SF4 H . -9.00 22.21 5.43
FE4 SF4 H . -8.65 21.23 3.03
S1 SF4 H . -8.41 23.27 3.62
S2 SF4 H . -9.81 20.38 4.65
S3 SF4 H . -6.67 20.44 3.31
S4 SF4 H . -7.19 21.58 6.36
FE SRM I . -3.32 24.56 3.31
CHA SRM I . -3.36 21.97 1.14
CHB SRM I . -6.18 25.87 1.85
CHC SRM I . -2.74 27.55 4.72
CHD SRM I . -1.40 22.91 5.51
NA SRM I . -4.49 24.02 1.73
C1A SRM I . -4.41 22.95 0.95
C2A SRM I . -5.45 22.86 -0.16
CMA SRM I . -4.73 23.64 -1.31
CDA SRM I . -5.99 21.50 -0.60
CEA SRM I . -5.20 20.89 -1.75
O3A SRM I . -4.02 20.49 -1.56
O4A SRM I . -5.73 20.74 -2.88
C3A SRM I . -6.31 23.97 0.27
CAA SRM I . -7.49 24.41 -0.57
CBA SRM I . -8.85 24.68 0.12
CCA SRM I . -9.80 25.27 -0.89
O1A SRM I . -9.66 26.43 -1.33
O2A SRM I . -10.76 24.63 -1.36
C4A SRM I . -5.64 24.62 1.38
NB SRM I . -4.24 26.36 3.28
C1B SRM I . -5.37 26.73 2.65
C2B SRM I . -5.87 28.16 2.87
CMB SRM I . -6.92 28.87 2.00
CDB SRM I . -6.64 28.05 4.25
CEB SRM I . -7.34 29.27 4.86
O3B SRM I . -6.80 30.42 4.83
O4B SRM I . -8.50 29.09 5.34
C3B SRM I . -4.63 28.52 3.50
CAB SRM I . -4.27 29.88 3.82
CBB SRM I . -3.13 29.76 2.57
CCB SRM I . -2.09 30.62 1.71
O1B SRM I . -2.30 31.75 1.14
O2B SRM I . -0.97 30.10 1.33
C4B SRM I . -3.79 27.44 3.80
NC SRM I . -2.15 25.15 4.89
C1C SRM I . -2.12 26.38 5.42
C2C SRM I . -1.35 26.46 6.68
CDC SRM I . -1.15 27.68 7.51
CEC SRM I . 0.12 28.37 7.43
O3C SRM I . 0.69 28.17 6.39
O4C SRM I . 0.43 29.09 8.41
C3C SRM I . -0.96 25.07 6.92
CAC SRM I . -0.22 24.46 8.04
CBC SRM I . 1.23 24.84 8.20
CCC SRM I . 1.92 23.68 7.48
O1C SRM I . 2.23 22.69 8.14
O2C SRM I . 2.09 23.73 6.24
C4C SRM I . -1.55 24.38 5.78
ND SRM I . -2.39 22.73 3.32
C1D SRM I . -1.69 22.18 4.29
C2D SRM I . -1.30 20.77 4.00
CAD SRM I . -0.44 19.91 4.87
CBD SRM I . 0.95 20.21 4.35
CCD SRM I . 2.01 19.29 4.90
O1D SRM I . 1.70 18.34 5.64
O2D SRM I . 3.18 19.57 4.60
C3D SRM I . -1.88 20.54 2.67
CDD SRM I . -1.90 19.34 1.78
CED SRM I . -0.66 19.03 1.06
O3D SRM I . 0.29 19.83 0.92
O4D SRM I . -0.63 17.90 0.68
C4D SRM I . -2.58 21.79 2.38
P PO4 J . -0.93 25.59 1.72
O1 PO4 J . -2.28 25.23 2.16
O2 PO4 J . -0.73 25.39 0.24
O3 PO4 J . -0.58 27.06 2.06
O4 PO4 J . 0.11 24.83 2.50
MG MG K . -11.13 36.53 10.83
MG MG L . 1.95 22.18 -3.63
#